data_6CFH
# 
_entry.id   6CFH 
# 
_audit_conform.dict_name       mmcif_pdbx.dic 
_audit_conform.dict_version    5.392 
_audit_conform.dict_location   http://mmcif.pdb.org/dictionaries/ascii/mmcif_pdbx.dic 
# 
loop_
_database_2.database_id 
_database_2.database_code 
_database_2.pdbx_database_accession 
_database_2.pdbx_DOI 
PDB   6CFH         pdb_00006cfh 10.2210/pdb6cfh/pdb 
WWPDB D_1000232662 ?            ?                   
EMDB  EMD-7467     ?            ?                   
# 
loop_
_pdbx_audit_revision_history.ordinal 
_pdbx_audit_revision_history.data_content_type 
_pdbx_audit_revision_history.major_revision 
_pdbx_audit_revision_history.minor_revision 
_pdbx_audit_revision_history.revision_date 
1 'Structure model' 1 0 2018-05-23 
2 'Structure model' 1 1 2018-06-06 
3 'Structure model' 1 2 2018-06-13 
4 'Structure model' 1 3 2019-12-18 
5 'Structure model' 1 4 2020-06-17 
6 'Structure model' 1 5 2021-06-30 
7 'Structure model' 1 6 2021-10-13 
8 'Structure model' 1 7 2024-05-15 
# 
_pdbx_audit_revision_details.ordinal             1 
_pdbx_audit_revision_details.revision_ordinal    1 
_pdbx_audit_revision_details.data_content_type   'Structure model' 
_pdbx_audit_revision_details.provider            repository 
_pdbx_audit_revision_details.type                'Initial release' 
_pdbx_audit_revision_details.description         ? 
_pdbx_audit_revision_details.details             ? 
# 
loop_
_pdbx_audit_revision_group.ordinal 
_pdbx_audit_revision_group.revision_ordinal 
_pdbx_audit_revision_group.data_content_type 
_pdbx_audit_revision_group.group 
1  2 'Structure model' 'Data collection'            
2  2 'Structure model' 'Database references'        
3  3 'Structure model' 'Data collection'            
4  3 'Structure model' 'Database references'        
5  4 'Structure model' 'Author supporting evidence' 
6  5 'Structure model' 'Database references'        
7  5 'Structure model' 'Source and taxonomy'        
8  5 'Structure model' 'Structure summary'          
9  6 'Structure model' 'Data collection'            
10 7 'Structure model' 'Database references'        
11 7 'Structure model' 'Refinement description'     
12 8 'Structure model' 'Data collection'            
# 
loop_
_pdbx_audit_revision_category.ordinal 
_pdbx_audit_revision_category.revision_ordinal 
_pdbx_audit_revision_category.data_content_type 
_pdbx_audit_revision_category.category 
1  2 'Structure model' citation              
2  2 'Structure model' citation_author       
3  3 'Structure model' citation              
4  4 'Structure model' pdbx_audit_support    
5  5 'Structure model' entity                
6  5 'Structure model' entity_name_com       
7  5 'Structure model' pdbx_entity_src_syn   
8  5 'Structure model' struct_ref            
9  5 'Structure model' struct_ref_seq        
10 6 'Structure model' diffrn_detector       
11 7 'Structure model' database_2            
12 7 'Structure model' pdbx_refine_tls       
13 7 'Structure model' pdbx_refine_tls_group 
14 7 'Structure model' refine                
15 7 'Structure model' refine_hist           
16 8 'Structure model' chem_comp_atom        
17 8 'Structure model' chem_comp_bond        
# 
loop_
_pdbx_audit_revision_item.ordinal 
_pdbx_audit_revision_item.revision_ordinal 
_pdbx_audit_revision_item.data_content_type 
_pdbx_audit_revision_item.item 
1  2 'Structure model' '_citation.journal_abbrev'                  
2  2 'Structure model' '_citation.pdbx_database_id_PubMed'         
3  2 'Structure model' '_citation.title'                           
4  3 'Structure model' '_citation.journal_volume'                  
5  3 'Structure model' '_citation.page_first'                      
6  3 'Structure model' '_citation.page_last'                       
7  4 'Structure model' '_pdbx_audit_support.funding_organization'  
8  5 'Structure model' '_entity.pdbx_description'                  
9  5 'Structure model' '_entity.pdbx_fragment'                     
10 5 'Structure model' '_pdbx_entity_src_syn.organism_common_name' 
11 5 'Structure model' '_struct_ref.db_code'                       
12 5 'Structure model' '_struct_ref.db_name'                       
13 5 'Structure model' '_struct_ref.pdbx_align_begin'              
14 5 'Structure model' '_struct_ref.pdbx_db_accession'             
15 5 'Structure model' '_struct_ref.pdbx_seq_one_letter_code'      
16 5 'Structure model' '_struct_ref_seq.pdbx_db_accession'         
17 6 'Structure model' '_diffrn_detector.detector'                 
18 7 'Structure model' '_database_2.pdbx_DOI'                      
19 7 'Structure model' '_database_2.pdbx_database_accession'       
20 7 'Structure model' '_pdbx_refine_tls.pdbx_refine_id'           
21 7 'Structure model' '_pdbx_refine_tls_group.pdbx_refine_id'     
22 7 'Structure model' '_refine_hist.pdbx_refine_id'               
# 
_pdbx_database_status.status_code                     REL 
_pdbx_database_status.status_code_sf                  REL 
_pdbx_database_status.status_code_mr                  ? 
_pdbx_database_status.entry_id                        6CFH 
_pdbx_database_status.recvd_initial_deposition_date   2018-02-15 
_pdbx_database_status.SG_entry                        N 
_pdbx_database_status.deposit_site                    RCSB 
_pdbx_database_status.process_site                    RCSB 
_pdbx_database_status.status_code_cs                  ? 
_pdbx_database_status.methods_development_category    ? 
_pdbx_database_status.pdb_format_compatible           Y 
_pdbx_database_status.status_code_nmr_data            ? 
# 
loop_
_pdbx_database_related.db_name 
_pdbx_database_related.details 
_pdbx_database_related.db_id 
_pdbx_database_related.content_type 
PDB  .                                                                                6cb9     unspecified            
PDB  .                                                                                6cew     unspecified            
PDB  .                                                                                6cf4     unspecified            
EMDB 'SWGMMGMLASQ segment from the low complexity domain of TDP-43, residues 333-343' EMD-7467 'associated EM volume' 
# 
loop_
_audit_author.name 
_audit_author.pdbx_ordinal 
_audit_author.identifier_ORCID 
'Guenther, E.L.'  1 ? 
'Rodriguez, J.A.' 2 ? 
'Sawaya, M.R.'    3 ? 
'Eisenberg, D.S.' 4 ? 
# 
_citation.abstract                  ? 
_citation.abstract_id_CAS           ? 
_citation.book_id_ISBN              ? 
_citation.book_publisher            ? 
_citation.book_publisher_city       ? 
_citation.book_title                ? 
_citation.coordinate_linkage        ? 
_citation.country                   US 
_citation.database_id_Medline       ? 
_citation.details                   ? 
_citation.id                        primary 
_citation.journal_abbrev            'Nat. Struct. Mol. Biol.' 
_citation.journal_id_ASTM           ? 
_citation.journal_id_CSD            ? 
_citation.journal_id_ISSN           1545-9985 
_citation.journal_full              ? 
_citation.journal_issue             ? 
_citation.journal_volume            25 
_citation.language                  ? 
_citation.page_first                463 
_citation.page_last                 471 
_citation.title                     
'Atomic structures of TDP-43 LCD segments and insights into reversible or pathogenic aggregation.' 
_citation.year                      2018 
_citation.database_id_CSD           ? 
_citation.pdbx_database_id_DOI      10.1038/s41594-018-0064-2 
_citation.pdbx_database_id_PubMed   29786080 
_citation.unpublished_flag          ? 
# 
loop_
_citation_author.citation_id 
_citation_author.name 
_citation_author.ordinal 
_citation_author.identifier_ORCID 
primary 'Guenther, E.L.'  1  ? 
primary 'Cao, Q.'         2  ? 
primary 'Trinh, H.'       3  ? 
primary 'Lu, J.'          4  ? 
primary 'Sawaya, M.R.'    5  ? 
primary 'Cascio, D.'      6  ? 
primary 'Boyer, D.R.'     7  ? 
primary 'Rodriguez, J.A.' 8  ? 
primary 'Hughes, M.P.'    9  ? 
primary 'Eisenberg, D.S.' 10 ? 
# 
_entity.id                         1 
_entity.type                       polymer 
_entity.src_method                 syn 
_entity.pdbx_description           'TAR DNA-binding protein 43' 
_entity.formula_weight             1198.436 
_entity.pdbx_number_of_molecules   2 
_entity.pdbx_ec                    ? 
_entity.pdbx_mutation              ? 
_entity.pdbx_fragment              'SWGMMGMLASQ segment' 
_entity.details                    ? 
# 
_entity_name_com.entity_id   1 
_entity_name_com.name        TDP-43 
# 
_entity_poly.entity_id                      1 
_entity_poly.type                           'polypeptide(L)' 
_entity_poly.nstd_linkage                   no 
_entity_poly.nstd_monomer                   no 
_entity_poly.pdbx_seq_one_letter_code       SWGMMGMLASQ 
_entity_poly.pdbx_seq_one_letter_code_can   SWGMMGMLASQ 
_entity_poly.pdbx_strand_id                 A,B 
_entity_poly.pdbx_target_identifier         ? 
# 
loop_
_entity_poly_seq.entity_id 
_entity_poly_seq.num 
_entity_poly_seq.mon_id 
_entity_poly_seq.hetero 
1 1  SER n 
1 2  TRP n 
1 3  GLY n 
1 4  MET n 
1 5  MET n 
1 6  GLY n 
1 7  MET n 
1 8  LEU n 
1 9  ALA n 
1 10 SER n 
1 11 GLN n 
# 
_pdbx_entity_src_syn.entity_id              1 
_pdbx_entity_src_syn.pdbx_src_id            1 
_pdbx_entity_src_syn.pdbx_alt_source_flag   sample 
_pdbx_entity_src_syn.pdbx_beg_seq_num       1 
_pdbx_entity_src_syn.pdbx_end_seq_num       11 
_pdbx_entity_src_syn.organism_scientific    'Homo sapiens' 
_pdbx_entity_src_syn.organism_common_name   Human 
_pdbx_entity_src_syn.ncbi_taxonomy_id       9606 
_pdbx_entity_src_syn.details                'Synthetic peptide SWGMMGMLASQ corresponding tosegment 333-343 of TDP-43' 
# 
loop_
_chem_comp.id 
_chem_comp.type 
_chem_comp.mon_nstd_flag 
_chem_comp.name 
_chem_comp.pdbx_synonyms 
_chem_comp.formula 
_chem_comp.formula_weight 
ALA 'L-peptide linking' y ALANINE    ? 'C3 H7 N O2'    89.093  
GLN 'L-peptide linking' y GLUTAMINE  ? 'C5 H10 N2 O3'  146.144 
GLY 'peptide linking'   y GLYCINE    ? 'C2 H5 N O2'    75.067  
LEU 'L-peptide linking' y LEUCINE    ? 'C6 H13 N O2'   131.173 
MET 'L-peptide linking' y METHIONINE ? 'C5 H11 N O2 S' 149.211 
SER 'L-peptide linking' y SERINE     ? 'C3 H7 N O3'    105.093 
TRP 'L-peptide linking' y TRYPTOPHAN ? 'C11 H12 N2 O2' 204.225 
# 
loop_
_pdbx_poly_seq_scheme.asym_id 
_pdbx_poly_seq_scheme.entity_id 
_pdbx_poly_seq_scheme.seq_id 
_pdbx_poly_seq_scheme.mon_id 
_pdbx_poly_seq_scheme.ndb_seq_num 
_pdbx_poly_seq_scheme.pdb_seq_num 
_pdbx_poly_seq_scheme.auth_seq_num 
_pdbx_poly_seq_scheme.pdb_mon_id 
_pdbx_poly_seq_scheme.auth_mon_id 
_pdbx_poly_seq_scheme.pdb_strand_id 
_pdbx_poly_seq_scheme.pdb_ins_code 
_pdbx_poly_seq_scheme.hetero 
A 1 1  SER 1  333 333 SER SER A . n 
A 1 2  TRP 2  334 334 TRP TRP A . n 
A 1 3  GLY 3  335 335 GLY GLY A . n 
A 1 4  MET 4  336 336 MET MET A . n 
A 1 5  MET 5  337 337 MET MET A . n 
A 1 6  GLY 6  338 338 GLY GLY A . n 
A 1 7  MET 7  339 339 MET MET A . n 
A 1 8  LEU 8  340 340 LEU LEU A . n 
A 1 9  ALA 9  341 341 ALA ALA A . n 
A 1 10 SER 10 342 342 SER SER A . n 
A 1 11 GLN 11 343 343 GLN GLN A . n 
B 1 1  SER 1  333 333 SER SER B . n 
B 1 2  TRP 2  334 334 TRP TRP B . n 
B 1 3  GLY 3  335 335 GLY GLY B . n 
B 1 4  MET 4  336 336 MET MET B . n 
B 1 5  MET 5  337 337 MET MET B . n 
B 1 6  GLY 6  338 338 GLY GLY B . n 
B 1 7  MET 7  339 339 MET MET B . n 
B 1 8  LEU 8  340 340 LEU LEU B . n 
B 1 9  ALA 9  341 341 ALA ALA B . n 
B 1 10 SER 10 342 342 SER SER B . n 
B 1 11 GLN 11 343 343 GLN GLN B . n 
# 
_pdbx_unobs_or_zero_occ_atoms.id               1 
_pdbx_unobs_or_zero_occ_atoms.PDB_model_num    1 
_pdbx_unobs_or_zero_occ_atoms.polymer_flag     Y 
_pdbx_unobs_or_zero_occ_atoms.occupancy_flag   1 
_pdbx_unobs_or_zero_occ_atoms.auth_asym_id     B 
_pdbx_unobs_or_zero_occ_atoms.auth_comp_id     GLN 
_pdbx_unobs_or_zero_occ_atoms.auth_seq_id      343 
_pdbx_unobs_or_zero_occ_atoms.PDB_ins_code     ? 
_pdbx_unobs_or_zero_occ_atoms.auth_atom_id     NE2 
_pdbx_unobs_or_zero_occ_atoms.label_alt_id     ? 
_pdbx_unobs_or_zero_occ_atoms.label_asym_id    B 
_pdbx_unobs_or_zero_occ_atoms.label_comp_id    GLN 
_pdbx_unobs_or_zero_occ_atoms.label_seq_id     11 
_pdbx_unobs_or_zero_occ_atoms.label_atom_id    NE2 
# 
loop_
_software.citation_id 
_software.classification 
_software.compiler_name 
_software.compiler_version 
_software.contact_author 
_software.contact_author_email 
_software.date 
_software.description 
_software.dependencies 
_software.hardware 
_software.language 
_software.location 
_software.mods 
_software.name 
_software.os 
_software.os_version 
_software.type 
_software.version 
_software.pdbx_ordinal 
? 'data reduction'  ? ? 'Wolfgang Kabsch' Wolfgang.Kabsch@mpimf-heidelberg.mpg.de ?                                         ? ? ? 
?   http://www.mpimf-heidelberg.mpg.de/~kabsch/xds/                             ? XDS         ? ? package .      1 
? 'data scaling'    ? ? 'Wolfgang Kabsch' ?                                       ?                                         ? ? ? 
?   http://www.mpimf-heidelberg.mpg.de/~kabsch/xds/html_doc/xscale_program.html ? XSCALE      ? ? package .      2 
? phasing           ? ? 'Randy J. Read'   cimr-phaser@lists.cam.ac.uk             'Wed Dec  6 12:15:36 2017 (svn exported)' ? ? ? 
?   http://www-structmed.cimr.cam.ac.uk/phaser/                                 ? PHASER      ? ? program 2.7.17 3 
? refinement        ? ? 'Gerard Bricogne' buster-develop@GlobalPhasing.com        ?                                         ? ? ? 
?   http://www.globalphasing.com/buster/                                        ? BUSTER      ? ? program 2.10.3 4 
? 'data extraction' ? ? PDB               deposit@deposit.rcsb.org                'Sep. 1, 2017'                            ? ? ? 
C++ http://sw-tools.pdb.org/apps/PDB_EXTRACT/                                   ? PDB_EXTRACT ? ? package 3.24   5 
# 
_cell.angle_alpha                  97.170 
_cell.angle_alpha_esd              ? 
_cell.angle_beta                   92.890 
_cell.angle_beta_esd               ? 
_cell.angle_gamma                  105.940 
_cell.angle_gamma_esd              ? 
_cell.entry_id                     6CFH 
_cell.details                      ? 
_cell.formula_units_Z              ? 
_cell.length_a                     8.560 
_cell.length_a_esd                 ? 
_cell.length_b                     9.600 
_cell.length_b_esd                 ? 
_cell.length_c                     39.970 
_cell.length_c_esd                 ? 
_cell.volume                       ? 
_cell.volume_esd                   ? 
_cell.Z_PDB                        2 
_cell.reciprocal_angle_alpha       ? 
_cell.reciprocal_angle_beta        ? 
_cell.reciprocal_angle_gamma       ? 
_cell.reciprocal_angle_alpha_esd   ? 
_cell.reciprocal_angle_beta_esd    ? 
_cell.reciprocal_angle_gamma_esd   ? 
_cell.reciprocal_length_a          ? 
_cell.reciprocal_length_b          ? 
_cell.reciprocal_length_c          ? 
_cell.reciprocal_length_a_esd      ? 
_cell.reciprocal_length_b_esd      ? 
_cell.reciprocal_length_c_esd      ? 
_cell.pdbx_unique_axis             ? 
# 
_symmetry.entry_id                         6CFH 
_symmetry.cell_setting                     ? 
_symmetry.Int_Tables_number                1 
_symmetry.space_group_name_Hall            ? 
_symmetry.space_group_name_H-M             'P 1' 
_symmetry.pdbx_full_space_group_name_H-M   ? 
# 
_exptl.absorpt_coefficient_mu     ? 
_exptl.absorpt_correction_T_max   ? 
_exptl.absorpt_correction_T_min   ? 
_exptl.absorpt_correction_type    ? 
_exptl.absorpt_process_details    ? 
_exptl.entry_id                   6CFH 
_exptl.crystals_number            ? 
_exptl.details                    ? 
_exptl.method                     'ELECTRON CRYSTALLOGRAPHY' 
_exptl.method_details             ? 
# 
_exptl_crystal.colour                      ? 
_exptl_crystal.density_diffrn              ? 
_exptl_crystal.density_Matthews            ? 
_exptl_crystal.density_method              ? 
_exptl_crystal.density_percent_sol         ? 
_exptl_crystal.description                 ? 
_exptl_crystal.F_000                       ? 
_exptl_crystal.id                          1 
_exptl_crystal.preparation                 ? 
_exptl_crystal.size_max                    ? 
_exptl_crystal.size_mid                    ? 
_exptl_crystal.size_min                    ? 
_exptl_crystal.size_rad                    ? 
_exptl_crystal.colour_lustre               ? 
_exptl_crystal.colour_modifier             ? 
_exptl_crystal.colour_primary              ? 
_exptl_crystal.density_meas                ? 
_exptl_crystal.density_meas_esd            ? 
_exptl_crystal.density_meas_gt             ? 
_exptl_crystal.density_meas_lt             ? 
_exptl_crystal.density_meas_temp           ? 
_exptl_crystal.density_meas_temp_esd       ? 
_exptl_crystal.density_meas_temp_gt        ? 
_exptl_crystal.density_meas_temp_lt        ? 
_exptl_crystal.pdbx_crystal_image_url      ? 
_exptl_crystal.pdbx_crystal_image_format   ? 
_exptl_crystal.pdbx_mosaicity              ? 
_exptl_crystal.pdbx_mosaicity_esd          ? 
# 
_exptl_crystal_grow.apparatus       ? 
_exptl_crystal_grow.atmosphere      ? 
_exptl_crystal_grow.crystal_id      1 
_exptl_crystal_grow.details         ? 
_exptl_crystal_grow.method          Batch 
_exptl_crystal_grow.method_ref      ? 
_exptl_crystal_grow.pH              7.5 
_exptl_crystal_grow.pressure        ? 
_exptl_crystal_grow.pressure_esd    ? 
_exptl_crystal_grow.seeding         ? 
_exptl_crystal_grow.seeding_ref     ? 
_exptl_crystal_grow.temp            303 
_exptl_crystal_grow.temp_details    ? 
_exptl_crystal_grow.temp_esd        ? 
_exptl_crystal_grow.time            ? 
_exptl_crystal_grow.pdbx_details    'phosphate buffered saline, shaken for 80 hours' 
_exptl_crystal_grow.pdbx_pH_range   ? 
# 
_diffrn.ambient_environment              ? 
_diffrn.ambient_temp                     100 
_diffrn.ambient_temp_details             ? 
_diffrn.ambient_temp_esd                 ? 
_diffrn.crystal_id                       1 
_diffrn.crystal_support                  ? 
_diffrn.crystal_treatment                ? 
_diffrn.details                          ? 
_diffrn.id                               1 
_diffrn.ambient_pressure                 ? 
_diffrn.ambient_pressure_esd             ? 
_diffrn.ambient_pressure_gt              ? 
_diffrn.ambient_pressure_lt              ? 
_diffrn.ambient_temp_gt                  ? 
_diffrn.ambient_temp_lt                  ? 
_diffrn.pdbx_serial_crystal_experiment   ? 
# 
_diffrn_detector.details                      ? 
_diffrn_detector.detector                     CMOS 
_diffrn_detector.diffrn_id                    1 
_diffrn_detector.type                         'TVIPS F416 CMOS CAMERA' 
_diffrn_detector.area_resol_mean              ? 
_diffrn_detector.dtime                        ? 
_diffrn_detector.pdbx_frames_total            ? 
_diffrn_detector.pdbx_collection_time_total   ? 
_diffrn_detector.pdbx_collection_date         2015-08-18 
# 
_diffrn_radiation_wavelength.id           1 
_diffrn_radiation_wavelength.wavelength   0.0251 
_diffrn_radiation_wavelength.wt           1.0 
# 
_diffrn_source.current                     ? 
_diffrn_source.details                     ? 
_diffrn_source.diffrn_id                   1 
_diffrn_source.power                       ? 
_diffrn_source.size                        ? 
_diffrn_source.source                      'TRANSMISSION ELECTRON MICROSCOPE' 
_diffrn_source.target                      ? 
_diffrn_source.type                        'TECNAI F20 TEM' 
_diffrn_source.voltage                     ? 
_diffrn_source.take-off_angle              ? 
_diffrn_source.pdbx_wavelength_list        0.0251 
_diffrn_source.pdbx_wavelength             ? 
_diffrn_source.pdbx_synchrotron_beamline   ? 
_diffrn_source.pdbx_synchrotron_site       ? 
# 
_reflns.B_iso_Wilson_estimate            14.370 
_reflns.entry_id                         6CFH 
_reflns.data_reduction_details           ? 
_reflns.data_reduction_method            ? 
_reflns.d_resolution_high                1.500 
_reflns.d_resolution_low                 13.170 
_reflns.details                          ? 
_reflns.limit_h_max                      ? 
_reflns.limit_h_min                      ? 
_reflns.limit_k_max                      ? 
_reflns.limit_k_min                      ? 
_reflns.limit_l_max                      ? 
_reflns.limit_l_min                      ? 
_reflns.number_all                       ? 
_reflns.number_obs                       1819 
_reflns.observed_criterion               ? 
_reflns.observed_criterion_F_max         ? 
_reflns.observed_criterion_F_min         ? 
_reflns.observed_criterion_I_max         ? 
_reflns.observed_criterion_I_min         ? 
_reflns.observed_criterion_sigma_F       ? 
_reflns.observed_criterion_sigma_I       ? 
_reflns.percent_possible_obs             93.500 
_reflns.R_free_details                   ? 
_reflns.Rmerge_F_all                     ? 
_reflns.Rmerge_F_obs                     ? 
_reflns.Friedel_coverage                 ? 
_reflns.number_gt                        ? 
_reflns.threshold_expression             ? 
_reflns.pdbx_redundancy                  4.230 
_reflns.pdbx_Rmerge_I_obs                0.208 
_reflns.pdbx_Rmerge_I_all                ? 
_reflns.pdbx_Rsym_value                  ? 
_reflns.pdbx_netI_over_av_sigmaI         ? 
_reflns.pdbx_netI_over_sigmaI            3.310 
_reflns.pdbx_res_netI_over_av_sigmaI_2   ? 
_reflns.pdbx_res_netI_over_sigmaI_2      ? 
_reflns.pdbx_chi_squared                 0.955 
_reflns.pdbx_scaling_rejects             5 
_reflns.pdbx_d_res_high_opt              ? 
_reflns.pdbx_d_res_low_opt               ? 
_reflns.pdbx_d_res_opt_method            ? 
_reflns.phase_calculation_details        ? 
_reflns.pdbx_Rrim_I_all                  0.231 
_reflns.pdbx_Rpim_I_all                  ? 
_reflns.pdbx_d_opt                       ? 
_reflns.pdbx_number_measured_all         7695 
_reflns.pdbx_diffrn_id                   1 
_reflns.pdbx_ordinal                     1 
_reflns.pdbx_CC_half                     0.987 
_reflns.pdbx_R_split                     ? 
_reflns.pdbx_CC_star                     ? 
# 
loop_
_reflns_shell.d_res_high 
_reflns_shell.d_res_low 
_reflns_shell.meanI_over_sigI_all 
_reflns_shell.meanI_over_sigI_obs 
_reflns_shell.number_measured_all 
_reflns_shell.number_measured_obs 
_reflns_shell.number_possible 
_reflns_shell.number_unique_all 
_reflns_shell.number_unique_obs 
_reflns_shell.percent_possible_all 
_reflns_shell.percent_possible_obs 
_reflns_shell.Rmerge_F_all 
_reflns_shell.Rmerge_F_obs 
_reflns_shell.Rmerge_I_all 
_reflns_shell.Rmerge_I_obs 
_reflns_shell.meanI_over_sigI_gt 
_reflns_shell.meanI_over_uI_all 
_reflns_shell.meanI_over_uI_gt 
_reflns_shell.number_measured_gt 
_reflns_shell.number_unique_gt 
_reflns_shell.percent_possible_gt 
_reflns_shell.Rmerge_F_gt 
_reflns_shell.Rmerge_I_gt 
_reflns_shell.pdbx_redundancy 
_reflns_shell.pdbx_Rsym_value 
_reflns_shell.pdbx_chi_squared 
_reflns_shell.pdbx_netI_over_sigmaI_all 
_reflns_shell.pdbx_netI_over_sigmaI_obs 
_reflns_shell.pdbx_Rrim_I_all 
_reflns_shell.pdbx_Rpim_I_all 
_reflns_shell.pdbx_rejects 
_reflns_shell.pdbx_ordinal 
_reflns_shell.pdbx_diffrn_id 
_reflns_shell.pdbx_CC_half 
_reflns_shell.pdbx_R_split 
_reflns_shell.pdbx_CC_star 
1.500 1.550  ? 0.680 ? 398 188 ? 168 89.400  ? ? ? ? 0.855 ? ? ? ? ? ? ? ? 2.369 ? ? ? ? 1.096 ? ? 1  1 0.720 ? ? 
1.550 1.590  ? 1.160 ? 375 157 ? 141 89.800  ? ? ? ? 0.489 ? ? ? ? ? ? ? ? 2.660 ? ? ? ? 0.611 ? ? 2  1 0.962 ? ? 
1.590 1.650  ? 1.110 ? 322 139 ? 128 92.100  ? ? ? ? 0.757 ? ? ? ? ? ? ? ? 2.516 ? ? ? ? 0.954 ? ? 3  1 0.570 ? ? 
1.650 1.700  ? 1.200 ? 405 145 ? 140 96.600  ? ? ? ? 0.583 ? ? ? ? ? ? ? ? 2.893 ? ? ? ? 0.702 ? ? 4  1 0.748 ? ? 
1.700 1.770  ? 1.440 ? 390 131 ? 122 93.100  ? ? ? ? 0.664 ? ? ? ? ? ? ? ? 3.197 ? ? ? ? 0.794 ? ? 5  1 0.617 ? ? 
1.770 1.840  ? 1.800 ? 465 139 ? 128 92.100  ? ? ? ? 0.530 ? ? ? ? ? ? ? ? 3.633 ? ? ? ? 0.611 ? ? 6  1 0.885 ? ? 
1.840 1.920  ? 2.580 ? 630 132 ? 124 93.900  ? ? ? ? 0.405 ? ? ? ? ? ? ? ? 5.081 ? ? ? ? 0.449 ? ? 7  1 0.970 ? ? 
1.920 2.020  ? 3.970 ? 524 108 ? 101 93.500  ? ? ? ? 0.279 ? ? ? ? ? ? ? ? 5.188 ? ? ? ? 0.309 ? ? 8  1 0.954 ? ? 
2.020 2.130  ? 3.550 ? 641 135 ? 126 93.300  ? ? ? ? 0.309 ? ? ? ? ? ? ? ? 5.087 ? ? ? ? 0.345 ? ? 9  1 0.969 ? ? 
2.130 2.250  ? 4.790 ? 568 100 ? 100 100.000 ? ? ? ? 0.243 ? ? ? ? ? ? ? ? 5.680 ? ? ? ? 0.267 ? ? 10 1 0.987 ? ? 
2.250 2.410  ? 5.080 ? 626 105 ? 103 98.100  ? ? ? ? 0.208 ? ? ? ? ? ? ? ? 6.078 ? ? ? ? 0.227 ? ? 11 1 0.993 ? ? 
2.410 2.600  ? 3.830 ? 435 87  ? 82  94.300  ? ? ? ? 0.326 ? ? ? ? ? ? ? ? 5.305 ? ? ? ? 0.365 ? ? 12 1 0.977 ? ? 
2.600 2.850  ? 5.160 ? 517 105 ? 100 95.200  ? ? ? ? 0.224 ? ? ? ? ? ? ? ? 5.170 ? ? ? ? 0.253 ? ? 13 1 0.992 ? ? 
2.850 3.190  ? 6.370 ? 428 74  ? 72  97.300  ? ? ? ? 0.231 ? ? ? ? ? ? ? ? 5.944 ? ? ? ? 0.254 ? ? 14 1 0.983 ? ? 
3.190 3.680  ? 7.960 ? 345 71  ? 66  93.000  ? ? ? ? 0.172 ? ? ? ? ? ? ? ? 5.227 ? ? ? ? 0.190 ? ? 15 1 0.984 ? ? 
3.680 4.510  ? 9.210 ? 297 61  ? 55  90.200  ? ? ? ? 0.170 ? ? ? ? ? ? ? ? 5.400 ? ? ? ? 0.187 ? ? 16 1 0.983 ? ? 
4.510 6.380  ? 9.290 ? 196 39  ? 38  97.400  ? ? ? ? 0.134 ? ? ? ? ? ? ? ? 5.158 ? ? ? ? 0.146 ? ? 17 1 0.983 ? ? 
6.380 13.170 ? 7.430 ? 133 29  ? 25  86.200  ? ? ? ? 0.132 ? ? ? ? ? ? ? ? 5.320 ? ? ? ? 0.147 ? ? 18 1 0.997 ? ? 
# 
_refine.aniso_B[1][1]                            -2.3572 
_refine.aniso_B[1][2]                            -0.8318 
_refine.aniso_B[1][3]                            -1.5911 
_refine.aniso_B[2][2]                            0.5881 
_refine.aniso_B[2][3]                            0.4244 
_refine.aniso_B[3][3]                            1.7692 
_refine.B_iso_max                                56.350 
_refine.B_iso_mean                               18.1400 
_refine.B_iso_min                                4.510 
_refine.correlation_coeff_Fo_to_Fc               0.9080 
_refine.correlation_coeff_Fo_to_Fc_free          0.8890 
_refine.details                                  ? 
_refine.diff_density_max                         ? 
_refine.diff_density_max_esd                     ? 
_refine.diff_density_min                         ? 
_refine.diff_density_min_esd                     ? 
_refine.diff_density_rms                         ? 
_refine.diff_density_rms_esd                     ? 
_refine.entry_id                                 6CFH 
_refine.pdbx_refine_id                           'ELECTRON CRYSTALLOGRAPHY' 
_refine.ls_abs_structure_details                 ? 
_refine.ls_abs_structure_Flack                   ? 
_refine.ls_abs_structure_Flack_esd               ? 
_refine.ls_abs_structure_Rogers                  ? 
_refine.ls_abs_structure_Rogers_esd              ? 
_refine.ls_d_res_high                            1.5000 
_refine.ls_d_res_low                             13.1700 
_refine.ls_extinction_coef                       ? 
_refine.ls_extinction_coef_esd                   ? 
_refine.ls_extinction_expression                 ? 
_refine.ls_extinction_method                     ? 
_refine.ls_goodness_of_fit_all                   ? 
_refine.ls_goodness_of_fit_all_esd               ? 
_refine.ls_goodness_of_fit_obs                   ? 
_refine.ls_goodness_of_fit_obs_esd               ? 
_refine.ls_hydrogen_treatment                    ? 
_refine.ls_matrix_type                           ? 
_refine.ls_number_constraints                    ? 
_refine.ls_number_parameters                     ? 
_refine.ls_number_reflns_all                     ? 
_refine.ls_number_reflns_obs                     1819 
_refine.ls_number_reflns_R_free                  182 
_refine.ls_number_reflns_R_work                  ? 
_refine.ls_number_restraints                     ? 
_refine.ls_percent_reflns_obs                    93.1000 
_refine.ls_percent_reflns_R_free                 10.0100 
_refine.ls_R_factor_all                          ? 
_refine.ls_R_factor_obs                          0.2830 
_refine.ls_R_factor_R_free                       0.3130 
_refine.ls_R_factor_R_free_error                 ? 
_refine.ls_R_factor_R_free_error_details         ? 
_refine.ls_R_factor_R_work                       0.2800 
_refine.ls_R_Fsqd_factor_obs                     ? 
_refine.ls_R_I_factor_obs                        ? 
_refine.ls_redundancy_reflns_all                 ? 
_refine.ls_redundancy_reflns_obs                 ? 
_refine.ls_restrained_S_all                      ? 
_refine.ls_restrained_S_obs                      ? 
_refine.ls_shift_over_esd_max                    ? 
_refine.ls_shift_over_esd_mean                   ? 
_refine.ls_structure_factor_coef                 ? 
_refine.ls_weighting_details                     ? 
_refine.ls_weighting_scheme                      ? 
_refine.ls_wR_factor_all                         ? 
_refine.ls_wR_factor_obs                         ? 
_refine.ls_wR_factor_R_free                      ? 
_refine.ls_wR_factor_R_work                      ? 
_refine.occupancy_max                            ? 
_refine.occupancy_min                            ? 
_refine.solvent_model_details                    ? 
_refine.solvent_model_param_bsol                 ? 
_refine.solvent_model_param_ksol                 ? 
_refine.ls_R_factor_gt                           ? 
_refine.ls_goodness_of_fit_gt                    ? 
_refine.ls_goodness_of_fit_ref                   ? 
_refine.ls_shift_over_su_max                     ? 
_refine.ls_shift_over_su_max_lt                  ? 
_refine.ls_shift_over_su_mean                    ? 
_refine.ls_shift_over_su_mean_lt                 ? 
_refine.pdbx_ls_sigma_I                          ? 
_refine.pdbx_ls_sigma_F                          0.000 
_refine.pdbx_ls_sigma_Fsqd                       ? 
_refine.pdbx_data_cutoff_high_absF               ? 
_refine.pdbx_data_cutoff_high_rms_absF           ? 
_refine.pdbx_data_cutoff_low_absF                ? 
_refine.pdbx_isotropic_thermal_model             ? 
_refine.pdbx_ls_cross_valid_method               THROUGHOUT 
_refine.pdbx_method_to_determine_struct          'MOLECULAR REPLACEMENT' 
_refine.pdbx_starting_model                      ? 
_refine.pdbx_stereochemistry_target_values       ? 
_refine.pdbx_R_Free_selection_details            RANDOM 
_refine.pdbx_stereochem_target_val_spec_case     ? 
_refine.pdbx_overall_ESU_R                       ? 
_refine.pdbx_overall_ESU_R_Free                  ? 
_refine.pdbx_solvent_vdw_probe_radii             ? 
_refine.pdbx_solvent_ion_probe_radii             ? 
_refine.pdbx_solvent_shrinkage_radii             ? 
_refine.pdbx_real_space_R                        ? 
_refine.pdbx_density_correlation                 ? 
_refine.pdbx_pd_number_of_powder_patterns        ? 
_refine.pdbx_pd_number_of_points                 ? 
_refine.pdbx_pd_meas_number_of_points            ? 
_refine.pdbx_pd_proc_ls_prof_R_factor            ? 
_refine.pdbx_pd_proc_ls_prof_wR_factor           ? 
_refine.pdbx_pd_Marquardt_correlation_coeff      ? 
_refine.pdbx_pd_Fsqrd_R_factor                   ? 
_refine.pdbx_pd_ls_matrix_band_width             ? 
_refine.pdbx_overall_phase_error                 ? 
_refine.pdbx_overall_SU_R_free_Cruickshank_DPI   0.1410 
_refine.pdbx_overall_SU_R_free_Blow_DPI          0.1390 
_refine.pdbx_overall_SU_R_Blow_DPI               0.1550 
_refine.pdbx_TLS_residual_ADP_flag               ? 
_refine.pdbx_diffrn_id                           1 
_refine.overall_SU_B                             ? 
_refine.overall_SU_ML                            ? 
_refine.overall_SU_R_Cruickshank_DPI             0.2310 
_refine.overall_SU_R_free                        ? 
_refine.overall_FOM_free_R_set                   ? 
_refine.overall_FOM_work_R_set                   ? 
_refine.pdbx_average_fsc_overall                 ? 
_refine.pdbx_average_fsc_work                    ? 
_refine.pdbx_average_fsc_free                    ? 
# 
_refine_analyze.entry_id                        6CFH 
_refine_analyze.pdbx_refine_id                  'ELECTRON CRYSTALLOGRAPHY' 
_refine_analyze.Luzzati_coordinate_error_free   ? 
_refine_analyze.Luzzati_coordinate_error_obs    0.390 
_refine_analyze.Luzzati_d_res_low_free          ? 
_refine_analyze.Luzzati_d_res_low_obs           ? 
_refine_analyze.Luzzati_sigma_a_free            ? 
_refine_analyze.Luzzati_sigma_a_free_details    ? 
_refine_analyze.Luzzati_sigma_a_obs             ? 
_refine_analyze.Luzzati_sigma_a_obs_details     ? 
_refine_analyze.number_disordered_residues      ? 
_refine_analyze.occupancy_sum_hydrogen          ? 
_refine_analyze.occupancy_sum_non_hydrogen      ? 
_refine_analyze.RG_d_res_high                   ? 
_refine_analyze.RG_d_res_low                    ? 
_refine_analyze.RG_free                         ? 
_refine_analyze.RG_work                         ? 
_refine_analyze.RG_free_work_ratio              ? 
_refine_analyze.pdbx_Luzzati_d_res_high_obs     ? 
# 
_refine_hist.cycle_id                         final 
_refine_hist.pdbx_refine_id                   'ELECTRON CRYSTALLOGRAPHY' 
_refine_hist.d_res_high                       1.5000 
_refine_hist.d_res_low                        13.1700 
_refine_hist.pdbx_number_atoms_ligand         0 
_refine_hist.number_atoms_solvent             0 
_refine_hist.number_atoms_total               161 
_refine_hist.pdbx_number_residues_total       22 
_refine_hist.pdbx_number_atoms_protein        161 
_refine_hist.pdbx_number_atoms_nucleic_acid   0 
# 
loop_
_refine_ls_restr.pdbx_refine_id 
_refine_ls_restr.criterion 
_refine_ls_restr.dev_ideal 
_refine_ls_restr.dev_ideal_target 
_refine_ls_restr.number 
_refine_ls_restr.rejects 
_refine_ls_restr.type 
_refine_ls_restr.weight 
_refine_ls_restr.pdbx_restraint_function 
'ELECTRON CRYSTALLOGRAPHY' ? ?      ? 62  ? t_dihedral_angle_d        2.000  SINUSOIDAL   
'ELECTRON CRYSTALLOGRAPHY' ? ?      ? 4   ? t_trig_c_planes           2.000  HARMONIC     
'ELECTRON CRYSTALLOGRAPHY' ? ?      ? 44  ? t_gen_planes              5.000  HARMONIC     
'ELECTRON CRYSTALLOGRAPHY' ? ?      ? 318 ? t_it                      20.000 HARMONIC     
'ELECTRON CRYSTALLOGRAPHY' ? ?      ? 4   ? t_nbd                     5.000  SEMIHARMONIC 
'ELECTRON CRYSTALLOGRAPHY' ? ?      ? ?   ? t_improper_torsion        ?      ?            
'ELECTRON CRYSTALLOGRAPHY' ? ?      ? ?   ? t_pseud_angle             ?      ?            
'ELECTRON CRYSTALLOGRAPHY' ? ?      ? 18  ? t_chiral_improper_torsion 5.000  SEMIHARMONIC 
'ELECTRON CRYSTALLOGRAPHY' ? ?      ? ?   ? t_sum_occupancies         ?      ?            
'ELECTRON CRYSTALLOGRAPHY' ? ?      ? ?   ? t_utility_distance        ?      ?            
'ELECTRON CRYSTALLOGRAPHY' ? ?      ? ?   ? t_utility_angle           ?      ?            
'ELECTRON CRYSTALLOGRAPHY' ? ?      ? ?   ? t_utility_torsion         ?      ?            
'ELECTRON CRYSTALLOGRAPHY' ? ?      ? 382 ? t_ideal_dist_contact      4.000  SEMIHARMONIC 
'ELECTRON CRYSTALLOGRAPHY' ? 0.007  ? 318 ? t_bond_d                  2.000  HARMONIC     
'ELECTRON CRYSTALLOGRAPHY' ? 0.910  ? 564 ? t_angle_deg               2.000  HARMONIC     
'ELECTRON CRYSTALLOGRAPHY' ? 1.690  ? ?   ? t_omega_torsion           ?      ?            
'ELECTRON CRYSTALLOGRAPHY' ? 19.150 ? ?   ? t_other_torsion           ?      ?            
# 
_refine_ls_shell.pdbx_refine_id                   'ELECTRON CRYSTALLOGRAPHY' 
_refine_ls_shell.d_res_high                       1.5000 
_refine_ls_shell.d_res_low                        1.6800 
_refine_ls_shell.number_reflns_all                510 
_refine_ls_shell.number_reflns_obs                ? 
_refine_ls_shell.number_reflns_R_free             51 
_refine_ls_shell.number_reflns_R_work             459 
_refine_ls_shell.percent_reflns_obs               89.3200 
_refine_ls_shell.percent_reflns_R_free            10.0000 
_refine_ls_shell.R_factor_all                     0.2199 
_refine_ls_shell.R_factor_obs                     ? 
_refine_ls_shell.R_factor_R_free                  0.2387 
_refine_ls_shell.R_factor_R_free_error            0.0000 
_refine_ls_shell.R_factor_R_work                  0.2178 
_refine_ls_shell.redundancy_reflns_all            ? 
_refine_ls_shell.redundancy_reflns_obs            ? 
_refine_ls_shell.wR_factor_all                    ? 
_refine_ls_shell.wR_factor_obs                    ? 
_refine_ls_shell.wR_factor_R_free                 ? 
_refine_ls_shell.wR_factor_R_work                 ? 
_refine_ls_shell.pdbx_total_number_of_bins_used   5 
_refine_ls_shell.pdbx_phase_error                 ? 
_refine_ls_shell.pdbx_fsc_work                    ? 
_refine_ls_shell.pdbx_fsc_free                    ? 
# 
_struct.entry_id                     6CFH 
_struct.title                        'SWGMMGMLASQ segment from the low complexity domain of TDP-43' 
_struct.pdbx_model_details           ? 
_struct.pdbx_formula_weight          ? 
_struct.pdbx_formula_weight_method   ? 
_struct.pdbx_model_type_details      ? 
_struct.pdbx_CASP_flag               N 
# 
_struct_keywords.entry_id        6CFH 
_struct_keywords.text            'Amyloid, steric zipper, PROTEIN FIBRIL' 
_struct_keywords.pdbx_keywords   'PROTEIN FIBRIL' 
# 
loop_
_struct_asym.id 
_struct_asym.pdbx_blank_PDB_chainid_flag 
_struct_asym.pdbx_modified 
_struct_asym.entity_id 
_struct_asym.details 
A N N 1 ? 
B N N 1 ? 
# 
_struct_ref.id                         1 
_struct_ref.db_name                    UNP 
_struct_ref.db_code                    TADBP_HUMAN 
_struct_ref.pdbx_db_accession          Q13148 
_struct_ref.pdbx_db_isoform            ? 
_struct_ref.entity_id                  1 
_struct_ref.pdbx_seq_one_letter_code   SWGMMGMLASQ 
_struct_ref.pdbx_align_begin           333 
# 
loop_
_struct_ref_seq.align_id 
_struct_ref_seq.ref_id 
_struct_ref_seq.pdbx_PDB_id_code 
_struct_ref_seq.pdbx_strand_id 
_struct_ref_seq.seq_align_beg 
_struct_ref_seq.pdbx_seq_align_beg_ins_code 
_struct_ref_seq.seq_align_end 
_struct_ref_seq.pdbx_seq_align_end_ins_code 
_struct_ref_seq.pdbx_db_accession 
_struct_ref_seq.db_align_beg 
_struct_ref_seq.pdbx_db_align_beg_ins_code 
_struct_ref_seq.db_align_end 
_struct_ref_seq.pdbx_db_align_end_ins_code 
_struct_ref_seq.pdbx_auth_seq_align_beg 
_struct_ref_seq.pdbx_auth_seq_align_end 
1 1 6CFH A 1 ? 11 ? Q13148 333 ? 343 ? 333 343 
2 1 6CFH B 1 ? 11 ? Q13148 333 ? 343 ? 333 343 
# 
_pdbx_struct_assembly.id                   1 
_pdbx_struct_assembly.details              author_defined_assembly 
_pdbx_struct_assembly.method_details       ? 
_pdbx_struct_assembly.oligomeric_details   eicosameric 
_pdbx_struct_assembly.oligomeric_count     20 
# 
_pdbx_struct_assembly_gen.assembly_id       1 
_pdbx_struct_assembly_gen.oper_expression   1,2,3,4,5,6,7,8,9,10 
_pdbx_struct_assembly_gen.asym_id_list      A,B 
# 
_pdbx_struct_assembly_auth_evidence.id                     1 
_pdbx_struct_assembly_auth_evidence.assembly_id            1 
_pdbx_struct_assembly_auth_evidence.experimental_support   none 
_pdbx_struct_assembly_auth_evidence.details                ? 
# 
loop_
_pdbx_struct_oper_list.id 
_pdbx_struct_oper_list.type 
_pdbx_struct_oper_list.name 
_pdbx_struct_oper_list.symmetry_operation 
_pdbx_struct_oper_list.matrix[1][1] 
_pdbx_struct_oper_list.matrix[1][2] 
_pdbx_struct_oper_list.matrix[1][3] 
_pdbx_struct_oper_list.vector[1] 
_pdbx_struct_oper_list.matrix[2][1] 
_pdbx_struct_oper_list.matrix[2][2] 
_pdbx_struct_oper_list.matrix[2][3] 
_pdbx_struct_oper_list.vector[2] 
_pdbx_struct_oper_list.matrix[3][1] 
_pdbx_struct_oper_list.matrix[3][2] 
_pdbx_struct_oper_list.matrix[3][3] 
_pdbx_struct_oper_list.vector[3] 
1  'identity operation'         1_555 x,y,z     1.0000000000 0.0000000000 0.0000000000 0.0000000000  0.0000000000 1.0000000000 0.0000000000 0.0000000000   0.0000000000 0.0000000000 1.0000000000 0.0000000000   
2  'crystal symmetry operation' 1_545 x,y-1,z   1.0000000000 0.0000000000 0.0000000000 -4.1041219299 0.0000000000 1.0000000000 0.0000000000 -4.2385222968  0.0000000000 0.0000000000 1.0000000000 7.5730516917   
3  'crystal symmetry operation' 1_565 x,y+1,z   1.0000000000 0.0000000000 0.0000000000 4.1041219299  0.0000000000 1.0000000000 0.0000000000 4.2385222968   0.0000000000 0.0000000000 1.0000000000 -7.5730516917  
4  'crystal symmetry operation' 1_655 x+1,y,z   1.0000000000 0.0000000000 0.0000000000 1.0544240174  0.0000000000 1.0000000000 0.0000000000 -8.4154399858  0.0000000000 0.0000000000 1.0000000000 -1.1585162223  
5  'crystal symmetry operation' 1_645 x+1,y-1,z 1.0000000000 0.0000000000 0.0000000000 -3.0496979124 0.0000000000 1.0000000000 0.0000000000 -12.6539622826 0.0000000000 0.0000000000 1.0000000000 6.4145354694   
6  'crystal symmetry operation' 1_535 x,y-2,z   1.0000000000 0.0000000000 0.0000000000 -8.2082438596 0.0000000000 1.0000000000 0.0000000000 -8.4770445937  0.0000000000 0.0000000000 1.0000000000 15.1461033833  
7  'crystal symmetry operation' 1_575 x,y+2,z   1.0000000000 0.0000000000 0.0000000000 8.2082438596  0.0000000000 1.0000000000 0.0000000000 8.4770445937   0.0000000000 0.0000000000 1.0000000000 -15.1461033833 
8  'crystal symmetry operation' 1_665 x+1,y+1,z 1.0000000000 0.0000000000 0.0000000000 5.1585459473  0.0000000000 1.0000000000 0.0000000000 -4.1769176890  0.0000000000 0.0000000000 1.0000000000 -8.7315679140  
9  'crystal symmetry operation' 1_635 x+1,y-2,z 1.0000000000 0.0000000000 0.0000000000 -7.1538198422 0.0000000000 1.0000000000 0.0000000000 -16.8924845795 0.0000000000 0.0000000000 1.0000000000 13.9875871610  
10 'crystal symmetry operation' 1_675 x+1,y+2,z 1.0000000000 0.0000000000 0.0000000000 9.2626678771  0.0000000000 1.0000000000 0.0000000000 0.0616046079   0.0000000000 0.0000000000 1.0000000000 -16.3046196056 
# 
_struct_sheet.id               AA1 
_struct_sheet.type             ? 
_struct_sheet.number_strands   2 
_struct_sheet.details          ? 
# 
_struct_sheet_order.sheet_id     AA1 
_struct_sheet_order.range_id_1   1 
_struct_sheet_order.range_id_2   2 
_struct_sheet_order.offset       ? 
_struct_sheet_order.sense        anti-parallel 
# 
loop_
_struct_sheet_range.sheet_id 
_struct_sheet_range.id 
_struct_sheet_range.beg_label_comp_id 
_struct_sheet_range.beg_label_asym_id 
_struct_sheet_range.beg_label_seq_id 
_struct_sheet_range.pdbx_beg_PDB_ins_code 
_struct_sheet_range.end_label_comp_id 
_struct_sheet_range.end_label_asym_id 
_struct_sheet_range.end_label_seq_id 
_struct_sheet_range.pdbx_end_PDB_ins_code 
_struct_sheet_range.beg_auth_comp_id 
_struct_sheet_range.beg_auth_asym_id 
_struct_sheet_range.beg_auth_seq_id 
_struct_sheet_range.end_auth_comp_id 
_struct_sheet_range.end_auth_asym_id 
_struct_sheet_range.end_auth_seq_id 
AA1 1 TRP A 2 ? SER A 10 ? TRP A 334 SER A 342 
AA1 2 TRP B 2 ? SER B 10 ? TRP B 334 SER B 342 
# 
_pdbx_struct_sheet_hbond.sheet_id                AA1 
_pdbx_struct_sheet_hbond.range_id_1              1 
_pdbx_struct_sheet_hbond.range_id_2              2 
_pdbx_struct_sheet_hbond.range_1_label_atom_id   N 
_pdbx_struct_sheet_hbond.range_1_label_comp_id   TRP 
_pdbx_struct_sheet_hbond.range_1_label_asym_id   A 
_pdbx_struct_sheet_hbond.range_1_label_seq_id    2 
_pdbx_struct_sheet_hbond.range_1_PDB_ins_code    ? 
_pdbx_struct_sheet_hbond.range_1_auth_atom_id    N 
_pdbx_struct_sheet_hbond.range_1_auth_comp_id    TRP 
_pdbx_struct_sheet_hbond.range_1_auth_asym_id    A 
_pdbx_struct_sheet_hbond.range_1_auth_seq_id     334 
_pdbx_struct_sheet_hbond.range_2_label_atom_id   O 
_pdbx_struct_sheet_hbond.range_2_label_comp_id   SER 
_pdbx_struct_sheet_hbond.range_2_label_asym_id   B 
_pdbx_struct_sheet_hbond.range_2_label_seq_id    10 
_pdbx_struct_sheet_hbond.range_2_PDB_ins_code    ? 
_pdbx_struct_sheet_hbond.range_2_auth_atom_id    O 
_pdbx_struct_sheet_hbond.range_2_auth_comp_id    SER 
_pdbx_struct_sheet_hbond.range_2_auth_asym_id    B 
_pdbx_struct_sheet_hbond.range_2_auth_seq_id     342 
# 
loop_
_pdbx_refine_tls.pdbx_refine_id 
_pdbx_refine_tls.id 
_pdbx_refine_tls.details 
_pdbx_refine_tls.method 
_pdbx_refine_tls.origin_x 
_pdbx_refine_tls.origin_y 
_pdbx_refine_tls.origin_z 
_pdbx_refine_tls.T[1][1] 
_pdbx_refine_tls.T[2][2] 
_pdbx_refine_tls.T[3][3] 
_pdbx_refine_tls.T[1][2] 
_pdbx_refine_tls.T[1][3] 
_pdbx_refine_tls.T[2][3] 
_pdbx_refine_tls.L[1][1] 
_pdbx_refine_tls.L[2][2] 
_pdbx_refine_tls.L[3][3] 
_pdbx_refine_tls.L[1][2] 
_pdbx_refine_tls.L[1][3] 
_pdbx_refine_tls.L[2][3] 
_pdbx_refine_tls.S[1][1] 
_pdbx_refine_tls.S[2][2] 
_pdbx_refine_tls.S[3][3] 
_pdbx_refine_tls.S[1][2] 
_pdbx_refine_tls.S[1][3] 
_pdbx_refine_tls.S[2][3] 
_pdbx_refine_tls.S[2][1] 
_pdbx_refine_tls.S[3][1] 
_pdbx_refine_tls.S[3][2] 
'ELECTRON CRYSTALLOGRAPHY' 1 ? refined -0.8573 -1.4291 2.0231  0.0017  0.0040  -0.0543 -0.0010 0.0094  0.0357 0.3623 0.3792 0.6163 -0.2724 -0.3047 -0.0558 0.0102  -0.0242 0.0140 -0.0097 -0.0186 0.0161  0.0157  -0.0180 0.0241  
'ELECTRON CRYSTALLOGRAPHY' 2 ? refined 1.0874  0.8320  -1.6636 -0.0721 -0.0230 0.0227  -0.0358 -0.0092 0.0394 0.5242 0.3622 0.5996 0.5162  -0.3539 -0.3035 -0.0155 -0.0046 0.0201 0.0010  -0.0237 -0.0347 -0.0250 0.0117  -0.0084 
# 
loop_
_pdbx_refine_tls_group.pdbx_refine_id 
_pdbx_refine_tls_group.id 
_pdbx_refine_tls_group.refine_tls_id 
_pdbx_refine_tls_group.beg_auth_asym_id 
_pdbx_refine_tls_group.beg_auth_seq_id 
_pdbx_refine_tls_group.end_auth_asym_id 
_pdbx_refine_tls_group.end_auth_seq_id 
_pdbx_refine_tls_group.selection_details 
_pdbx_refine_tls_group.beg_label_asym_id 
_pdbx_refine_tls_group.beg_label_seq_id 
_pdbx_refine_tls_group.end_label_asym_id 
_pdbx_refine_tls_group.end_label_seq_id 
_pdbx_refine_tls_group.selection 
'ELECTRON CRYSTALLOGRAPHY' 1 1 A 333 A 343 '{A|333 - 343}' ? ? ? ? ? 
'ELECTRON CRYSTALLOGRAPHY' 2 2 B 333 B 343 '{B|333 - 343}' ? ? ? ? ? 
# 
_pdbx_phasing_MR.entry_id                     6CFH 
_pdbx_phasing_MR.method_rotation              ? 
_pdbx_phasing_MR.method_translation           ? 
_pdbx_phasing_MR.model_details                'Phaser MODE: MR_AUTO' 
_pdbx_phasing_MR.R_factor                     ? 
_pdbx_phasing_MR.R_rigid_body                 ? 
_pdbx_phasing_MR.correlation_coeff_Fo_to_Fc   ? 
_pdbx_phasing_MR.correlation_coeff_Io_to_Ic   ? 
_pdbx_phasing_MR.d_res_high_rotation          1.500 
_pdbx_phasing_MR.d_res_low_rotation           13.170 
_pdbx_phasing_MR.d_res_high_translation       1.500 
_pdbx_phasing_MR.d_res_low_translation        13.170 
_pdbx_phasing_MR.packing                      ? 
_pdbx_phasing_MR.reflns_percent_rotation      ? 
_pdbx_phasing_MR.reflns_percent_translation   ? 
_pdbx_phasing_MR.sigma_F_rotation             ? 
_pdbx_phasing_MR.sigma_F_translation          ? 
_pdbx_phasing_MR.sigma_I_rotation             ? 
_pdbx_phasing_MR.sigma_I_translation          ? 
# 
_phasing.method   MR 
# 
_em_3d_fitting.entry_id          6CFH 
_em_3d_fitting.id                1 
_em_3d_fitting.details           ? 
_em_3d_fitting.overall_b_value   17.4 
_em_3d_fitting.ref_protocol      OTHER 
_em_3d_fitting.ref_space         RECIPROCAL 
_em_3d_fitting.target_criteria   'maximum likihood' 
_em_3d_fitting.method            ? 
# 
_em_3d_reconstruction.entry_id                    6CFH 
_em_3d_reconstruction.id                          1 
_em_3d_reconstruction.algorithm                   ? 
_em_3d_reconstruction.details                     
'Density map was obtained using measured diffraction intensities and phases acquired from a molecular replacement program, phaser.' 
_em_3d_reconstruction.refinement_type             ? 
_em_3d_reconstruction.image_processing_id         1 
_em_3d_reconstruction.num_class_averages          ? 
_em_3d_reconstruction.num_particles               ? 
_em_3d_reconstruction.resolution                  ? 
_em_3d_reconstruction.resolution_method           'DIFFRACTION PATTERN/LAYERLINES' 
_em_3d_reconstruction.symmetry_type               '3D CRYSTAL' 
_em_3d_reconstruction.method                      ? 
_em_3d_reconstruction.nominal_pixel_size          ? 
_em_3d_reconstruction.actual_pixel_size           ? 
_em_3d_reconstruction.magnification_calibration   ? 
_em_3d_reconstruction.citation_id                 ? 
_em_3d_reconstruction.euler_angles_details        ? 
# 
_em_buffer.id            1 
_em_buffer.details       ? 
_em_buffer.pH            7.5 
_em_buffer.specimen_id   1 
_em_buffer.name          ? 
# 
_em_entity_assembly.id                   1 
_em_entity_assembly.parent_id            0 
_em_entity_assembly.details              ? 
_em_entity_assembly.name                 'crystal of SWGMMGMLASQ' 
_em_entity_assembly.source               NATURAL 
_em_entity_assembly.type                 COMPLEX 
_em_entity_assembly.entity_id_list       1 
_em_entity_assembly.synonym              ? 
_em_entity_assembly.oligomeric_details   ? 
# 
_em_image_scans.entry_id                6CFH 
_em_image_scans.id                      1 
_em_image_scans.dimension_height        4096 
_em_image_scans.dimension_width         4096 
_em_image_scans.frames_per_image        ? 
_em_image_scans.image_recording_id      1 
_em_image_scans.sampling_size           ? 
_em_image_scans.scanner_model           ? 
_em_image_scans.used_frames_per_image   ? 
_em_image_scans.citation_id             ? 
_em_image_scans.number_digital_images   ? 
_em_image_scans.od_range                ? 
_em_image_scans.quant_bit_size          ? 
_em_image_scans.details                 ? 
# 
_em_imaging.id                              1 
_em_imaging.entry_id                        6CFH 
_em_imaging.accelerating_voltage            200 
_em_imaging.alignment_procedure             BASIC 
_em_imaging.c2_aperture_diameter            ? 
_em_imaging.calibrated_defocus_max          ? 
_em_imaging.calibrated_defocus_min          ? 
_em_imaging.calibrated_magnification        ? 
_em_imaging.cryogen                         NITROGEN 
_em_imaging.details                         ? 
_em_imaging.electron_source                 'FIELD EMISSION GUN' 
_em_imaging.illumination_mode               'FLOOD BEAM' 
_em_imaging.microscope_model                'FEI TECNAI F20' 
_em_imaging.mode                            DIFFRACTION 
_em_imaging.nominal_cs                      ? 
_em_imaging.nominal_defocus_max             ? 
_em_imaging.nominal_defocus_min             ? 
_em_imaging.nominal_magnification           ? 
_em_imaging.recording_temperature_maximum   100 
_em_imaging.recording_temperature_minimum   100 
_em_imaging.residual_tilt                   ? 
_em_imaging.specimen_holder_model           'GATAN 626 SINGLE TILT LIQUID NITROGEN CRYO TRANSFER HOLDER' 
_em_imaging.specimen_id                     1 
_em_imaging.citation_id                     ? 
_em_imaging.date                            ? 
_em_imaging.temperature                     ? 
_em_imaging.tilt_angle_min                  ? 
_em_imaging.tilt_angle_max                  ? 
_em_imaging.astigmatism                     ? 
_em_imaging.detector_distance               ? 
_em_imaging.electron_beam_tilt_params       ? 
_em_imaging.specimen_holder_type            ? 
# 
_em_sample_support.id               1 
_em_sample_support.specimen_id      1 
_em_sample_support.details          ? 
_em_sample_support.grid_material    COPPER 
_em_sample_support.grid_mesh_size   300 
_em_sample_support.grid_type        'Quantifoil R2/2' 
_em_sample_support.method           ? 
_em_sample_support.film_material    ? 
_em_sample_support.citation_id      ? 
# 
_em_vitrification.id                    1 
_em_vitrification.specimen_id           1 
_em_vitrification.chamber_temperature   ? 
_em_vitrification.cryogen_name          ETHANE 
_em_vitrification.details               ? 
_em_vitrification.humidity              ? 
_em_vitrification.instrument            'FEI VITROBOT MARK IV' 
_em_vitrification.entry_id              6CFH 
_em_vitrification.citation_id           ? 
_em_vitrification.method                ? 
_em_vitrification.temp                  ? 
_em_vitrification.time_resolved_state   ? 
# 
_em_experiment.entry_id                6CFH 
_em_experiment.id                      1 
_em_experiment.aggregation_state       '3D ARRAY' 
_em_experiment.reconstruction_method   CRYSTALLOGRAPHY 
_em_experiment.entity_assembly_id      1 
# 
loop_
_chem_comp_atom.comp_id 
_chem_comp_atom.atom_id 
_chem_comp_atom.type_symbol 
_chem_comp_atom.pdbx_aromatic_flag 
_chem_comp_atom.pdbx_stereo_config 
_chem_comp_atom.pdbx_ordinal 
ALA N    N N N 1   
ALA CA   C N S 2   
ALA C    C N N 3   
ALA O    O N N 4   
ALA CB   C N N 5   
ALA OXT  O N N 6   
ALA H    H N N 7   
ALA H2   H N N 8   
ALA HA   H N N 9   
ALA HB1  H N N 10  
ALA HB2  H N N 11  
ALA HB3  H N N 12  
ALA HXT  H N N 13  
GLN N    N N N 14  
GLN CA   C N S 15  
GLN C    C N N 16  
GLN O    O N N 17  
GLN CB   C N N 18  
GLN CG   C N N 19  
GLN CD   C N N 20  
GLN OE1  O N N 21  
GLN NE2  N N N 22  
GLN OXT  O N N 23  
GLN H    H N N 24  
GLN H2   H N N 25  
GLN HA   H N N 26  
GLN HB2  H N N 27  
GLN HB3  H N N 28  
GLN HG2  H N N 29  
GLN HG3  H N N 30  
GLN HE21 H N N 31  
GLN HE22 H N N 32  
GLN HXT  H N N 33  
GLY N    N N N 34  
GLY CA   C N N 35  
GLY C    C N N 36  
GLY O    O N N 37  
GLY OXT  O N N 38  
GLY H    H N N 39  
GLY H2   H N N 40  
GLY HA2  H N N 41  
GLY HA3  H N N 42  
GLY HXT  H N N 43  
LEU N    N N N 44  
LEU CA   C N S 45  
LEU C    C N N 46  
LEU O    O N N 47  
LEU CB   C N N 48  
LEU CG   C N N 49  
LEU CD1  C N N 50  
LEU CD2  C N N 51  
LEU OXT  O N N 52  
LEU H    H N N 53  
LEU H2   H N N 54  
LEU HA   H N N 55  
LEU HB2  H N N 56  
LEU HB3  H N N 57  
LEU HG   H N N 58  
LEU HD11 H N N 59  
LEU HD12 H N N 60  
LEU HD13 H N N 61  
LEU HD21 H N N 62  
LEU HD22 H N N 63  
LEU HD23 H N N 64  
LEU HXT  H N N 65  
MET N    N N N 66  
MET CA   C N S 67  
MET C    C N N 68  
MET O    O N N 69  
MET CB   C N N 70  
MET CG   C N N 71  
MET SD   S N N 72  
MET CE   C N N 73  
MET OXT  O N N 74  
MET H    H N N 75  
MET H2   H N N 76  
MET HA   H N N 77  
MET HB2  H N N 78  
MET HB3  H N N 79  
MET HG2  H N N 80  
MET HG3  H N N 81  
MET HE1  H N N 82  
MET HE2  H N N 83  
MET HE3  H N N 84  
MET HXT  H N N 85  
SER N    N N N 86  
SER CA   C N S 87  
SER C    C N N 88  
SER O    O N N 89  
SER CB   C N N 90  
SER OG   O N N 91  
SER OXT  O N N 92  
SER H    H N N 93  
SER H2   H N N 94  
SER HA   H N N 95  
SER HB2  H N N 96  
SER HB3  H N N 97  
SER HG   H N N 98  
SER HXT  H N N 99  
TRP N    N N N 100 
TRP CA   C N S 101 
TRP C    C N N 102 
TRP O    O N N 103 
TRP CB   C N N 104 
TRP CG   C Y N 105 
TRP CD1  C Y N 106 
TRP CD2  C Y N 107 
TRP NE1  N Y N 108 
TRP CE2  C Y N 109 
TRP CE3  C Y N 110 
TRP CZ2  C Y N 111 
TRP CZ3  C Y N 112 
TRP CH2  C Y N 113 
TRP OXT  O N N 114 
TRP H    H N N 115 
TRP H2   H N N 116 
TRP HA   H N N 117 
TRP HB2  H N N 118 
TRP HB3  H N N 119 
TRP HD1  H N N 120 
TRP HE1  H N N 121 
TRP HE3  H N N 122 
TRP HZ2  H N N 123 
TRP HZ3  H N N 124 
TRP HH2  H N N 125 
TRP HXT  H N N 126 
# 
loop_
_chem_comp_bond.comp_id 
_chem_comp_bond.atom_id_1 
_chem_comp_bond.atom_id_2 
_chem_comp_bond.value_order 
_chem_comp_bond.pdbx_aromatic_flag 
_chem_comp_bond.pdbx_stereo_config 
_chem_comp_bond.pdbx_ordinal 
ALA N   CA   sing N N 1   
ALA N   H    sing N N 2   
ALA N   H2   sing N N 3   
ALA CA  C    sing N N 4   
ALA CA  CB   sing N N 5   
ALA CA  HA   sing N N 6   
ALA C   O    doub N N 7   
ALA C   OXT  sing N N 8   
ALA CB  HB1  sing N N 9   
ALA CB  HB2  sing N N 10  
ALA CB  HB3  sing N N 11  
ALA OXT HXT  sing N N 12  
GLN N   CA   sing N N 13  
GLN N   H    sing N N 14  
GLN N   H2   sing N N 15  
GLN CA  C    sing N N 16  
GLN CA  CB   sing N N 17  
GLN CA  HA   sing N N 18  
GLN C   O    doub N N 19  
GLN C   OXT  sing N N 20  
GLN CB  CG   sing N N 21  
GLN CB  HB2  sing N N 22  
GLN CB  HB3  sing N N 23  
GLN CG  CD   sing N N 24  
GLN CG  HG2  sing N N 25  
GLN CG  HG3  sing N N 26  
GLN CD  OE1  doub N N 27  
GLN CD  NE2  sing N N 28  
GLN NE2 HE21 sing N N 29  
GLN NE2 HE22 sing N N 30  
GLN OXT HXT  sing N N 31  
GLY N   CA   sing N N 32  
GLY N   H    sing N N 33  
GLY N   H2   sing N N 34  
GLY CA  C    sing N N 35  
GLY CA  HA2  sing N N 36  
GLY CA  HA3  sing N N 37  
GLY C   O    doub N N 38  
GLY C   OXT  sing N N 39  
GLY OXT HXT  sing N N 40  
LEU N   CA   sing N N 41  
LEU N   H    sing N N 42  
LEU N   H2   sing N N 43  
LEU CA  C    sing N N 44  
LEU CA  CB   sing N N 45  
LEU CA  HA   sing N N 46  
LEU C   O    doub N N 47  
LEU C   OXT  sing N N 48  
LEU CB  CG   sing N N 49  
LEU CB  HB2  sing N N 50  
LEU CB  HB3  sing N N 51  
LEU CG  CD1  sing N N 52  
LEU CG  CD2  sing N N 53  
LEU CG  HG   sing N N 54  
LEU CD1 HD11 sing N N 55  
LEU CD1 HD12 sing N N 56  
LEU CD1 HD13 sing N N 57  
LEU CD2 HD21 sing N N 58  
LEU CD2 HD22 sing N N 59  
LEU CD2 HD23 sing N N 60  
LEU OXT HXT  sing N N 61  
MET N   CA   sing N N 62  
MET N   H    sing N N 63  
MET N   H2   sing N N 64  
MET CA  C    sing N N 65  
MET CA  CB   sing N N 66  
MET CA  HA   sing N N 67  
MET C   O    doub N N 68  
MET C   OXT  sing N N 69  
MET CB  CG   sing N N 70  
MET CB  HB2  sing N N 71  
MET CB  HB3  sing N N 72  
MET CG  SD   sing N N 73  
MET CG  HG2  sing N N 74  
MET CG  HG3  sing N N 75  
MET SD  CE   sing N N 76  
MET CE  HE1  sing N N 77  
MET CE  HE2  sing N N 78  
MET CE  HE3  sing N N 79  
MET OXT HXT  sing N N 80  
SER N   CA   sing N N 81  
SER N   H    sing N N 82  
SER N   H2   sing N N 83  
SER CA  C    sing N N 84  
SER CA  CB   sing N N 85  
SER CA  HA   sing N N 86  
SER C   O    doub N N 87  
SER C   OXT  sing N N 88  
SER CB  OG   sing N N 89  
SER CB  HB2  sing N N 90  
SER CB  HB3  sing N N 91  
SER OG  HG   sing N N 92  
SER OXT HXT  sing N N 93  
TRP N   CA   sing N N 94  
TRP N   H    sing N N 95  
TRP N   H2   sing N N 96  
TRP CA  C    sing N N 97  
TRP CA  CB   sing N N 98  
TRP CA  HA   sing N N 99  
TRP C   O    doub N N 100 
TRP C   OXT  sing N N 101 
TRP CB  CG   sing N N 102 
TRP CB  HB2  sing N N 103 
TRP CB  HB3  sing N N 104 
TRP CG  CD1  doub Y N 105 
TRP CG  CD2  sing Y N 106 
TRP CD1 NE1  sing Y N 107 
TRP CD1 HD1  sing N N 108 
TRP CD2 CE2  doub Y N 109 
TRP CD2 CE3  sing Y N 110 
TRP NE1 CE2  sing Y N 111 
TRP NE1 HE1  sing N N 112 
TRP CE2 CZ2  sing Y N 113 
TRP CE3 CZ3  doub Y N 114 
TRP CE3 HE3  sing N N 115 
TRP CZ2 CH2  doub Y N 116 
TRP CZ2 HZ2  sing N N 117 
TRP CZ3 CH2  sing Y N 118 
TRP CZ3 HZ3  sing N N 119 
TRP CH2 HH2  sing N N 120 
TRP OXT HXT  sing N N 121 
# 
_em_3d_crystal_entity.id                    1 
_em_3d_crystal_entity.image_processing_id   1 
_em_3d_crystal_entity.angle_alpha           97.171 
_em_3d_crystal_entity.angle_beta            92.895 
_em_3d_crystal_entity.angle_gamma           105.943 
_em_3d_crystal_entity.length_a              8.56 
_em_3d_crystal_entity.length_b              9.60 
_em_3d_crystal_entity.length_c              39.97 
_em_3d_crystal_entity.space_group_name      'P 1' 
_em_3d_crystal_entity.space_group_num       1 
# 
loop_
_em_buffer_component.buffer_id 
_em_buffer_component.id 
_em_buffer_component.concentration 
_em_buffer_component.concentration_units 
_em_buffer_component.formula 
_em_buffer_component.name 
1 1 ? ? ? 'sodium chloride'               
1 2 ? ? ? 'potassium chloride'            
1 3 ? ? ? 'dibasic sodium phosphate'      
1 4 ? ? ? 'monobasic potassium phosphate' 
# 
_em_crystal_formation.id                    1 
_em_crystal_formation.specimen_id           1 
_em_crystal_formation.atmosphere            'air, sealed chamber' 
_em_crystal_formation.details               
'Crystals were prepared by shaking peptide in microcentrifuge tube at 37 deg Celsius for 80 hours.' 
_em_crystal_formation.instrument            'microcentrifuge tube' 
_em_crystal_formation.lipid_mixture         none 
_em_crystal_formation.lipid_protein_ratio   ? 
_em_crystal_formation.temperature           310 
_em_crystal_formation.time                  4 
_em_crystal_formation.time_unit             DAY 
# 
_em_ctf_correction.id                       1 
_em_ctf_correction.em_image_processing_id   1 
_em_ctf_correction.type                     NONE 
_em_ctf_correction.details                  ? 
# 
_em_diffraction.id                1 
_em_diffraction.camera_length     1850 
_em_diffraction.imaging_id        1 
_em_diffraction.tilt_angle_list   ? 
# 
_em_diffraction_shell.id                        1 
_em_diffraction_shell.em_diffraction_stats_id   1 
_em_diffraction_shell.fourier_space_coverage    93.5 
_em_diffraction_shell.high_resolution           1.5 
_em_diffraction_shell.low_resolution            13.1675 
_em_diffraction_shell.multiplicity              4.2 
_em_diffraction_shell.num_structure_factors     1819 
_em_diffraction_shell.phase_residual            55.72 
# 
_em_diffraction_stats.id                               1 
_em_diffraction_stats.details                          ? 
_em_diffraction_stats.image_processing_id              1 
_em_diffraction_stats.fourier_space_coverage           93.5 
_em_diffraction_stats.high_resolution                  1.5 
_em_diffraction_stats.num_intensities_measured         7695 
_em_diffraction_stats.num_structure_factors            1819 
_em_diffraction_stats.overall_phase_error              55.72 
_em_diffraction_stats.overall_phase_residual           55.72 
_em_diffraction_stats.phase_error_rejection_criteria   0 
_em_diffraction_stats.r_merge                          20.8 
_em_diffraction_stats.r_sym                            20.8 
# 
_em_entity_assembly_molwt.entity_assembly_id   1 
_em_entity_assembly_molwt.id                   1 
_em_entity_assembly_molwt.experimental_flag    NO 
_em_entity_assembly_molwt.units                ? 
_em_entity_assembly_molwt.value                ? 
# 
_em_entity_assembly_naturalsource.id                   2 
_em_entity_assembly_naturalsource.entity_assembly_id   1 
_em_entity_assembly_naturalsource.cell                 ? 
_em_entity_assembly_naturalsource.cellular_location    ? 
_em_entity_assembly_naturalsource.ncbi_tax_id          9606 
_em_entity_assembly_naturalsource.organ                ? 
_em_entity_assembly_naturalsource.organelle            ? 
_em_entity_assembly_naturalsource.organism             'Homo sapiens' 
_em_entity_assembly_naturalsource.strain               ? 
_em_entity_assembly_naturalsource.tissue               ? 
# 
_em_image_processing.id                   1 
_em_image_processing.image_recording_id   1 
_em_image_processing.details              ? 
# 
_em_image_recording.id                            1 
_em_image_recording.imaging_id                    1 
_em_image_recording.avg_electron_dose_per_image   0.01 
_em_image_recording.average_exposure_time         2 
_em_image_recording.details                       'The detector was operated in rolling shutter mode with 2X2 pixel binning.' 
_em_image_recording.detector_mode                 ? 
_em_image_recording.film_or_detector_model        'TVIPS TEMCAM-F416 (4k x 4k)' 
_em_image_recording.num_diffraction_images        100 
_em_image_recording.num_grids_imaged              1 
_em_image_recording.num_real_images               891 
# 
loop_
_em_software.id 
_em_software.category 
_em_software.details 
_em_software.name 
_em_software.version 
_em_software.image_processing_id 
_em_software.fitting_id 
_em_software.imaging_id 
1  'IMAGE ACQUISITION'             ? EM-Menu ?      ? ? 1 
2  MASKING                         ? ?       ?      ? ? ? 
3  'CTF CORRECTION'                ? ?       ?      1 ? ? 
4  'LAYERLINE INDEXING'            ? ?       ?      ? ? ? 
5  'DIFFRACTION INDEXING'          ? ?       ?      ? ? ? 
6  'MODEL FITTING'                 ? Coot    0.8.9  ? 1 ? 
7  OTHER                           ? ?       ?      ? ? ? 
8  'MOLECULAR REPLACEMENT'         ? ?       ?      1 ? ? 
9  'LATTICE DISTORTION CORRECTION' ? ?       ?      1 ? ? 
10 'SYMMETRY DETERMINATION'        ? ?       ?      1 ? ? 
11 'CRYSTALLOGRAPHY MERGING'       ? ?       ?      1 ? ? 
12 RECONSTRUCTION                  ? ?       ?      1 ? ? 
13 'MODEL REFINEMENT'              ? BUSTER  2.10.3 ? 1 ? 
# 
_em_specimen.id                      1 
_em_specimen.experiment_id           1 
_em_specimen.concentration           24 
_em_specimen.details                 crystal 
_em_specimen.embedding_applied       NO 
_em_specimen.shadowing_applied       NO 
_em_specimen.staining_applied        NO 
_em_specimen.vitrification_applied   YES 
# 
_pdbx_audit_support.funding_organization   'National Institutes of Health/National Institute on Aging (NIH/NIA)' 
_pdbx_audit_support.country                'United States' 
_pdbx_audit_support.grant_number           AG029430 
_pdbx_audit_support.ordinal                1 
# 
_atom_sites.entry_id                    6CFH 
_atom_sites.fract_transf_matrix[1][1]   0.03980593 
_atom_sites.fract_transf_matrix[1][2]   -0.10845461 
_atom_sites.fract_transf_matrix[1][3]   -0.03912830 
_atom_sites.fract_transf_matrix[2][1]   0.06570890 
_atom_sites.fract_transf_matrix[2][2]   0.01997043 
_atom_sites.fract_transf_matrix[2][3]   -0.08525983 
_atom_sites.fract_transf_matrix[3][1]   0.02199184 
_atom_sites.fract_transf_matrix[3][2]   0.00103502 
_atom_sites.fract_transf_matrix[3][3]   0.01249750 
_atom_sites.fract_transf_vector[1]      0.180478 
_atom_sites.fract_transf_vector[2]      0.222801 
_atom_sites.fract_transf_vector[3]      0.211558 
# 
loop_
_atom_type.symbol 
C 
H 
N 
O 
S 
# 
loop_
_atom_site.group_PDB 
_atom_site.id 
_atom_site.type_symbol 
_atom_site.label_atom_id 
_atom_site.label_alt_id 
_atom_site.label_comp_id 
_atom_site.label_asym_id 
_atom_site.label_entity_id 
_atom_site.label_seq_id 
_atom_site.pdbx_PDB_ins_code 
_atom_site.Cartn_x 
_atom_site.Cartn_y 
_atom_site.Cartn_z 
_atom_site.occupancy 
_atom_site.B_iso_or_equiv 
_atom_site.pdbx_formal_charge 
_atom_site.auth_seq_id 
_atom_site.auth_comp_id 
_atom_site.auth_asym_id 
_atom_site.auth_atom_id 
_atom_site.pdbx_PDB_model_num 
ATOM 1   N N    . SER A 1 1  ? -17.584 -1.672 -6.519  1.00 25.92 ? 333 SER A N    1 
ATOM 2   C CA   . SER A 1 1  ? -16.421 -0.803 -6.337  1.00 25.27 ? 333 SER A CA   1 
ATOM 3   C C    . SER A 1 1  ? -15.377 -1.489 -5.451  1.00 27.34 ? 333 SER A C    1 
ATOM 4   O O    . SER A 1 1  ? -15.725 -2.391 -4.685  1.00 27.23 ? 333 SER A O    1 
ATOM 5   C CB   . SER A 1 1  ? -16.834 0.531  -5.727  1.00 28.18 ? 333 SER A CB   1 
ATOM 6   O OG   . SER A 1 1  ? -15.708 1.385  -5.658  1.00 35.68 ? 333 SER A OG   1 
ATOM 7   H H1   . SER A 1 1  ? -18.481 -1.233 -6.344  1.00 26.37 ? 333 SER A H1   1 
ATOM 8   H HA   . SER A 1 1  ? -15.967 -0.602 -7.306  1.00 24.95 ? 333 SER A HA   1 
ATOM 9   H HB2  . SER A 1 1  ? -17.593 0.986  -6.360  1.00 28.07 ? 333 SER A HB2  1 
ATOM 10  H HB3  . SER A 1 1  ? -17.228 0.366  -4.725  1.00 27.89 ? 333 SER A HB3  1 
ATOM 11  H HG   . SER A 1 1  ? -15.871 2.199  -6.201  0.00 35.87 ? 333 SER A HG   1 
ATOM 12  N N    . TRP A 1 2  ? -14.098 -1.076 -5.565  1.00 21.87 ? 334 TRP A N    1 
ATOM 13  C CA   . TRP A 1 2  ? -13.011 -1.701 -4.806  1.00 20.66 ? 334 TRP A CA   1 
ATOM 14  C C    . TRP A 1 2  ? -11.842 -0.775 -4.485  1.00 19.83 ? 334 TRP A C    1 
ATOM 15  O O    . TRP A 1 2  ? -11.545 0.150  -5.238  1.00 19.66 ? 334 TRP A O    1 
ATOM 16  C CB   . TRP A 1 2  ? -12.482 -2.921 -5.578  1.00 20.55 ? 334 TRP A CB   1 
ATOM 17  C CG   . TRP A 1 2  ? -12.720 -4.205 -4.860  1.00 22.19 ? 334 TRP A CG   1 
ATOM 18  C CD1  . TRP A 1 2  ? -13.845 -4.967 -4.905  1.00 25.71 ? 334 TRP A CD1  1 
ATOM 19  C CD2  . TRP A 1 2  ? -11.884 -4.781 -3.859  1.00 22.06 ? 334 TRP A CD2  1 
ATOM 20  N NE1  . TRP A 1 2  ? -13.721 -6.041 -4.058  1.00 25.54 ? 334 TRP A NE1  1 
ATOM 21  C CE2  . TRP A 1 2  ? -12.517 -5.958 -3.410  1.00 26.31 ? 334 TRP A CE2  1 
ATOM 22  C CE3  . TRP A 1 2  ? -10.628 -4.451 -3.337  1.00 23.16 ? 334 TRP A CE3  1 
ATOM 23  C CZ2  . TRP A 1 2  ? -11.961 -6.773 -2.425  1.00 25.46 ? 334 TRP A CZ2  1 
ATOM 24  C CZ3  . TRP A 1 2  ? -10.070 -5.269 -2.375  1.00 24.35 ? 334 TRP A CZ3  1 
ATOM 25  C CH2  . TRP A 1 2  ? -10.738 -6.407 -1.919  1.00 25.21 ? 334 TRP A CH2  1 
ATOM 26  H H    . TRP A 1 2  ? -13.797 -0.324 -6.177  1.00 21.69 ? 334 TRP A H    1 
ATOM 27  H HA   . TRP A 1 2  ? -13.403 -2.043 -3.849  1.00 20.22 ? 334 TRP A HA   1 
ATOM 28  H HB2  . TRP A 1 2  ? -12.981 -2.983 -6.544  1.00 21.13 ? 334 TRP A HB2  1 
ATOM 29  H HB3  . TRP A 1 2  ? -11.407 -2.827 -5.730  1.00 20.33 ? 334 TRP A HB3  1 
ATOM 30  H HD1  . TRP A 1 2  ? -14.694 -4.772 -5.557  1.00 25.66 ? 334 TRP A HD1  1 
ATOM 31  H HE1  . TRP A 1 2  ? -14.412 -6.774 -3.933  1.00 25.80 ? 334 TRP A HE1  1 
ATOM 32  H HE3  . TRP A 1 2  ? -10.104 -3.557 -3.674  1.00 22.94 ? 334 TRP A HE3  1 
ATOM 33  H HZ2  . TRP A 1 2  ? -12.474 -7.671 -2.079  1.00 25.62 ? 334 TRP A HZ2  1 
ATOM 34  H HZ3  . TRP A 1 2  ? -9.100  -5.013 -1.954  1.00 24.09 ? 334 TRP A HZ3  1 
ATOM 35  H HH2  . TRP A 1 2  ? -10.247 -7.041 -1.186  1.00 25.19 ? 334 TRP A HH2  1 
ATOM 36  N N    . GLY A 1 3  ? -11.166 -1.077 -3.383  1.00 12.30 ? 335 GLY A N    1 
ATOM 37  C CA   . GLY A 1 3  ? -9.990  -0.337 -2.955  1.00 11.02 ? 335 GLY A CA   1 
ATOM 38  C C    . GLY A 1 3  ? -9.184  -1.065 -1.902  1.00 12.49 ? 335 GLY A C    1 
ATOM 39  O O    . GLY A 1 3  ? -9.756  -1.598 -0.952  1.00 12.85 ? 335 GLY A O    1 
ATOM 40  H H    . GLY A 1 3  ? -11.428 -1.822 -2.746  1.00 12.80 ? 335 GLY A H    1 
ATOM 41  H HA2  . GLY A 1 3  ? -9.362  -0.171 -3.826  1.00 11.64 ? 335 GLY A HA2  1 
ATOM 42  H HA3  . GLY A 1 3  ? -10.285 0.631  -2.554  1.00 10.53 ? 335 GLY A HA3  1 
ATOM 43  N N    . MET A 1 4  ? -7.851  -1.104 -2.073  1.00 8.66  ? 336 MET A N    1 
ATOM 44  C CA   . MET A 1 4  ? -6.946  -1.735 -1.117  1.00 8.64  ? 336 MET A CA   1 
ATOM 45  C C    . MET A 1 4  ? -5.632  -1.001 -1.050  1.00 10.03 ? 336 MET A C    1 
ATOM 46  O O    . MET A 1 4  ? -5.125  -0.562 -2.077  1.00 9.06  ? 336 MET A O    1 
ATOM 47  C CB   . MET A 1 4  ? -6.683  -3.218 -1.450  1.00 12.20 ? 336 MET A CB   1 
ATOM 48  C CG   . MET A 1 4  ? -6.595  -3.514 -2.921  1.00 16.87 ? 336 MET A CG   1 
ATOM 49  S SD   . MET A 1 4  ? -5.573  -4.955 -3.328  1.00 21.65 ? 336 MET A SD   1 
ATOM 50  C CE   . MET A 1 4  ? -6.284  -6.153 -2.308  1.00 18.56 ? 336 MET A CE   1 
ATOM 51  H H    . MET A 1 4  ? -7.372  -0.713 -2.877  1.00 8.47  ? 336 MET A H    1 
ATOM 52  H HA   . MET A 1 4  ? -7.412  -1.693 -0.135  1.00 8.56  ? 336 MET A HA   1 
ATOM 53  H HB2  . MET A 1 4  ? -5.736  -3.518 -1.002  1.00 11.77 ? 336 MET A HB2  1 
ATOM 54  H HB3  . MET A 1 4  ? -7.484  -3.818 -1.025  1.00 12.46 ? 336 MET A HB3  1 
ATOM 55  H HG2  . MET A 1 4  ? -7.599  -3.689 -3.305  1.00 17.39 ? 336 MET A HG2  1 
ATOM 56  H HG3  . MET A 1 4  ? -6.145  -2.659 -3.421  1.00 16.69 ? 336 MET A HG3  1 
ATOM 57  H HE1  . MET A 1 4  ? -6.125  -5.894 -1.263  1.00 17.92 ? 336 MET A HE1  1 
ATOM 58  H HE2  . MET A 1 4  ? -5.805  -7.103 -2.524  1.00 19.03 ? 336 MET A HE2  1 
ATOM 59  H HE3  . MET A 1 4  ? -7.345  -6.229 -2.531  1.00 18.56 ? 336 MET A HE3  1 
ATOM 60  N N    . MET A 1 5  ? -5.078  -0.878 0.160   1.00 7.35  ? 337 MET A N    1 
ATOM 61  C CA   . MET A 1 5  ? -3.799  -0.224 0.371   1.00 8.19  ? 337 MET A CA   1 
ATOM 62  C C    . MET A 1 5  ? -2.953  -1.013 1.324   1.00 8.89  ? 337 MET A C    1 
ATOM 63  O O    . MET A 1 5  ? -3.478  -1.778 2.131   1.00 8.39  ? 337 MET A O    1 
ATOM 64  C CB   . MET A 1 5  ? -3.973  1.219  0.844   1.00 11.80 ? 337 MET A CB   1 
ATOM 65  C CG   . MET A 1 5  ? -4.735  1.366  2.130   1.00 17.33 ? 337 MET A CG   1 
ATOM 66  S SD   . MET A 1 5  ? -4.834  3.100  2.607   1.00 22.37 ? 337 MET A SD   1 
ATOM 67  C CE   . MET A 1 5  ? -3.213  3.330  3.236   1.00 19.54 ? 337 MET A CE   1 
ATOM 68  H H    . MET A 1 5  ? -5.506  -1.216 1.016   1.00 7.24  ? 337 MET A H    1 
ATOM 69  H HA   . MET A 1 5  ? -3.267  -0.175 -0.577  1.00 8.16  ? 337 MET A HA   1 
ATOM 70  H HB2  . MET A 1 5  ? -2.979  1.643  0.972   1.00 12.00 ? 337 MET A HB2  1 
ATOM 71  H HB3  . MET A 1 5  ? -4.511  1.775  0.078   1.00 11.83 ? 337 MET A HB3  1 
ATOM 72  H HG2  . MET A 1 5  ? -5.746  0.986  1.997   1.00 17.71 ? 337 MET A HG2  1 
ATOM 73  H HG3  . MET A 1 5  ? -4.231  0.831  2.934   1.00 17.35 ? 337 MET A HG3  1 
ATOM 74  H HE1  . MET A 1 5  ? -3.059  2.658  4.078   1.00 18.82 ? 337 MET A HE1  1 
ATOM 75  H HE2  . MET A 1 5  ? -3.101  4.365  3.553   1.00 19.26 ? 337 MET A HE2  1 
ATOM 76  H HE3  . MET A 1 5  ? -2.481  3.122  2.458   1.00 19.27 ? 337 MET A HE3  1 
ATOM 77  N N    . GLY A 1 6  ? -1.649  -0.850 1.200   1.00 4.86  ? 338 GLY A N    1 
ATOM 78  C CA   . GLY A 1 6  ? -0.698  -1.570 2.026   1.00 4.81  ? 338 GLY A CA   1 
ATOM 79  C C    . GLY A 1 6  ? 0.574   -0.795 2.271   1.00 6.03  ? 338 GLY A C    1 
ATOM 80  O O    . GLY A 1 6  ? 1.020   -0.049 1.402   1.00 4.82  ? 338 GLY A O    1 
ATOM 81  H H    . GLY A 1 6  ? -1.216  -0.216 0.533   1.00 4.70  ? 338 GLY A H    1 
ATOM 82  H HA2  . GLY A 1 6  ? -1.155  -1.802 2.984   1.00 4.51  ? 338 GLY A HA2  1 
ATOM 83  H HA3  . GLY A 1 6  ? -0.439  -2.504 1.527   1.00 5.08  ? 338 GLY A HA3  1 
ATOM 84  N N    . MET A 1 7  ? 1.147   -0.956 3.466   1.00 4.96  ? 339 MET A N    1 
ATOM 85  C CA   . MET A 1 7  ? 2.389   -0.321 3.875   1.00 6.03  ? 339 MET A CA   1 
ATOM 86  C C    . MET A 1 7  ? 3.262   -1.314 4.615   1.00 9.15  ? 339 MET A C    1 
ATOM 87  O O    . MET A 1 7  ? 2.740   -2.114 5.386   1.00 8.27  ? 339 MET A O    1 
ATOM 88  C CB   . MET A 1 7  ? 2.070   0.824  4.826   1.00 8.71  ? 339 MET A CB   1 
ATOM 89  C CG   . MET A 1 7  ? 1.138   1.785  4.248   1.00 13.50 ? 339 MET A CG   1 
ATOM 90  S SD   . MET A 1 7  ? 1.015   3.264  5.225   1.00 18.76 ? 339 MET A SD   1 
ATOM 91  C CE   . MET A 1 7  ? -0.278  3.960  4.439   1.00 15.66 ? 339 MET A CE   1 
ATOM 92  H H    . MET A 1 7  ? 0.724   -1.491 4.218   1.00 5.16  ? 339 MET A H    1 
ATOM 93  H HA   . MET A 1 7  ? 2.920   0.082  3.016   1.00 6.12  ? 339 MET A HA   1 
ATOM 94  H HB2  . MET A 1 7  ? 1.602   0.413  5.718   1.00 8.34  ? 339 MET A HB2  1 
ATOM 95  H HB3  . MET A 1 7  ? 2.987   1.343  5.094   1.00 9.08  ? 339 MET A HB3  1 
ATOM 96  H HG2  . MET A 1 7  ? 1.484   2.054  3.252   1.00 13.56 ? 339 MET A HG2  1 
ATOM 97  H HG3  . MET A 1 7  ? 0.143   1.346  4.196   1.00 13.03 ? 339 MET A HG3  1 
ATOM 98  H HE1  . MET A 1 7  ? -0.394  3.518  3.451   1.00 14.70 ? 339 MET A HE1  1 
ATOM 99  H HE2  . MET A 1 7  ? -0.062  5.019  4.335   1.00 16.42 ? 339 MET A HE2  1 
ATOM 100 H HE3  . MET A 1 7  ? -1.176  3.802  5.035   1.00 15.33 ? 339 MET A HE3  1 
ATOM 101 N N    . LEU A 1 8  ? 4.580   -1.237 4.418   1.00 8.51  ? 340 LEU A N    1 
ATOM 102 C CA   . LEU A 1 8  ? 5.553   -2.093 5.093   1.00 9.71  ? 340 LEU A CA   1 
ATOM 103 C C    . LEU A 1 8  ? 6.770   -1.228 5.426   1.00 13.77 ? 340 LEU A C    1 
ATOM 104 O O    . LEU A 1 8  ? 7.273   -0.538 4.548   1.00 12.64 ? 340 LEU A O    1 
ATOM 105 C CB   . LEU A 1 8  ? 5.948   -3.257 4.170   1.00 10.89 ? 340 LEU A CB   1 
ATOM 106 C CG   . LEU A 1 8  ? 6.738   -4.425 4.795   1.00 17.85 ? 340 LEU A CG   1 
ATOM 107 C CD1  . LEU A 1 8  ? 6.726   -5.653 3.893   1.00 18.93 ? 340 LEU A CD1  1 
ATOM 108 C CD2  . LEU A 1 8  ? 8.175   -4.063 5.086   1.00 20.44 ? 340 LEU A CD2  1 
ATOM 109 H H    . LEU A 1 8  ? 5.007   -0.585 3.769   1.00 8.65  ? 340 LEU A H    1 
ATOM 110 H HA   . LEU A 1 8  ? 5.140   -2.503 6.013   1.00 9.52  ? 340 LEU A HA   1 
ATOM 111 H HB2  . LEU A 1 8  ? 5.024   -3.671 3.772   1.00 10.78 ? 340 LEU A HB2  1 
ATOM 112 H HB3  . LEU A 1 8  ? 6.540   -2.852 3.350   1.00 10.85 ? 340 LEU A HB3  1 
ATOM 113 H HG   . LEU A 1 8  ? 6.293   -4.695 5.750   1.00 17.45 ? 340 LEU A HG   1 
ATOM 114 H HD11 . LEU A 1 8  ? 5.734   -5.784 3.466   1.00 18.07 ? 340 LEU A HD11 1 
ATOM 115 H HD12 . LEU A 1 8  ? 6.992   -6.521 4.494   1.00 18.55 ? 340 LEU A HD12 1 
ATOM 116 H HD13 . LEU A 1 8  ? 7.459   -5.520 3.099   1.00 18.43 ? 340 LEU A HD13 1 
ATOM 117 H HD21 . LEU A 1 8  ? 8.592   -3.515 4.242   1.00 20.14 ? 340 LEU A HD21 1 
ATOM 118 H HD22 . LEU A 1 8  ? 8.725   -4.991 5.240   1.00 20.51 ? 340 LEU A HD22 1 
ATOM 119 H HD23 . LEU A 1 8  ? 8.237   -3.475 5.999   1.00 20.78 ? 340 LEU A HD23 1 
ATOM 120 N N    . ALA A 1 9  ? 7.225   -1.257 6.685   1.00 12.35 ? 341 ALA A N    1 
ATOM 121 C CA   . ALA A 1 9  ? 8.389   -0.504 7.149   1.00 13.17 ? 341 ALA A CA   1 
ATOM 122 C C    . ALA A 1 9  ? 9.337   -1.468 7.845   1.00 16.77 ? 341 ALA A C    1 
ATOM 123 O O    . ALA A 1 9  ? 8.873   -2.301 8.622   1.00 16.54 ? 341 ALA A O    1 
ATOM 124 C CB   . ALA A 1 9  ? 7.954   0.571  8.132   1.00 14.48 ? 341 ALA A CB   1 
ATOM 125 H H    . ALA A 1 9  ? 6.797   -1.803 7.425   1.00 13.31 ? 341 ALA A H    1 
ATOM 126 H HA   . ALA A 1 9  ? 8.914   -0.025 6.323   1.00 13.03 ? 341 ALA A HA   1 
ATOM 127 H HB1  . ALA A 1 9  ? 7.280   1.263  7.631   1.00 14.37 ? 341 ALA A HB1  1 
ATOM 128 H HB2  . ALA A 1 9  ? 8.835   1.096  8.499   1.00 14.42 ? 341 ALA A HB2  1 
ATOM 129 H HB3  . ALA A 1 9  ? 7.440   0.090  8.964   1.00 14.46 ? 341 ALA A HB3  1 
ATOM 130 N N    . SER A 1 10 ? 10.643  -1.375 7.567   1.00 14.34 ? 342 SER A N    1 
ATOM 131 C CA   . SER A 1 10 ? 11.635  -2.233 8.206   1.00 15.00 ? 342 SER A CA   1 
ATOM 132 C C    . SER A 1 10 ? 12.904  -1.460 8.482   1.00 18.74 ? 342 SER A C    1 
ATOM 133 O O    . SER A 1 10 ? 13.519  -0.938 7.551   1.00 18.99 ? 342 SER A O    1 
ATOM 134 C CB   . SER A 1 10 ? 11.951  -3.445 7.337   1.00 19.36 ? 342 SER A CB   1 
ATOM 135 O OG   . SER A 1 10 ? 12.720  -4.390 8.062   1.00 30.57 ? 342 SER A OG   1 
ATOM 136 H H    . SER A 1 10 ? 11.038  -0.726 6.894   1.00 14.07 ? 342 SER A H    1 
ATOM 137 H HA   . SER A 1 10 ? 11.252  -2.589 9.160   1.00 15.28 ? 342 SER A HA   1 
ATOM 138 H HB2  . SER A 1 10 ? 11.019  -3.907 7.013   1.00 19.32 ? 342 SER A HB2  1 
ATOM 139 H HB3  . SER A 1 10 ? 12.530  -3.122 6.474   1.00 19.05 ? 342 SER A HB3  1 
ATOM 140 N N    . GLN A 1 11 ? 13.279  -1.370 9.763   1.00 15.82 ? 343 GLN A N    1 
ATOM 141 C CA   . GLN A 1 11 ? 14.504  -0.722 10.217  1.00 18.33 ? 343 GLN A CA   1 
ATOM 142 C C    . GLN A 1 11 ? 15.422  -1.849 10.646  1.00 28.49 ? 343 GLN A C    1 
ATOM 143 O O    . GLN A 1 11 ? 14.938  -2.766 11.341  1.00 30.88 ? 343 GLN A O    1 
ATOM 144 C CB   . GLN A 1 11 ? 14.215  0.240  11.390  1.00 19.99 ? 343 GLN A CB   1 
ATOM 145 C CG   . GLN A 1 11 ? 13.863  1.669  10.967  1.00 35.38 ? 343 GLN A CG   1 
ATOM 146 C CD   . GLN A 1 11 ? 15.030  2.463  10.425  1.00 56.35 ? 343 GLN A CD   1 
ATOM 147 O OE1  . GLN A 1 11 ? 16.203  2.131  10.634  1.00 52.44 ? 343 GLN A OE1  1 
ATOM 148 N NE2  . GLN A 1 11 ? 14.737  3.565  9.744   1.00 50.15 ? 343 GLN A NE2  1 
ATOM 149 O OXT  . GLN A 1 11 ? 16.592  -1.867 10.216  1.00 48.33 ? 343 GLN A OXT  1 
ATOM 150 H H    . GLN A 1 11 ? 12.744  -1.761 10.532  1.00 15.34 ? 343 GLN A H    1 
ATOM 151 H HA   . GLN A 1 11 ? 14.993  -0.177 9.413   1.00 18.64 ? 343 GLN A HA   1 
ATOM 152 H HB2  . GLN A 1 11 ? 13.366  -0.139 11.958  1.00 19.81 ? 343 GLN A HB2  1 
ATOM 153 H HB3  . GLN A 1 11 ? 15.084  0.285  12.045  1.00 20.57 ? 343 GLN A HB3  1 
ATOM 154 H HG2  . GLN A 1 11 ? 13.088  1.635  10.202  1.00 34.96 ? 343 GLN A HG2  1 
ATOM 155 H HG3  . GLN A 1 11 ? 13.497  2.204  11.841  1.00 35.52 ? 343 GLN A HG3  1 
ATOM 156 N N    . SER B 1 1  ? 17.668  0.286  6.082   1.00 21.16 ? 333 SER B N    1 
ATOM 157 C CA   . SER B 1 1  ? 16.247  0.417  6.358   1.00 20.21 ? 333 SER B CA   1 
ATOM 158 C C    . SER B 1 1  ? 15.491  0.679  5.066   1.00 21.54 ? 333 SER B C    1 
ATOM 159 O O    . SER B 1 1  ? 16.038  1.286  4.145   1.00 21.43 ? 333 SER B O    1 
ATOM 160 C CB   . SER B 1 1  ? 16.006  1.538  7.364   1.00 24.35 ? 333 SER B CB   1 
ATOM 161 O OG   . SER B 1 1  ? 16.200  2.829  6.807   1.00 32.40 ? 333 SER B OG   1 
ATOM 162 H H1   . SER B 1 1  ? 18.167  -0.277 6.764   1.00 21.49 ? 333 SER B H1   1 
ATOM 163 H HA   . SER B 1 1  ? 15.892  -0.519 6.782   1.00 20.57 ? 333 SER B HA   1 
ATOM 164 H HB2  . SER B 1 1  ? 14.990  1.457  7.747   1.00 23.59 ? 333 SER B HB2  1 
ATOM 165 H HB3  . SER B 1 1  ? 16.718  1.411  8.177   1.00 24.93 ? 333 SER B HB3  1 
ATOM 166 N N    . TRP B 1 2  ? 14.241  0.199  4.983   1.00 17.23 ? 334 TRP B N    1 
ATOM 167 C CA   . TRP B 1 2  ? 13.449  0.363  3.767   1.00 15.77 ? 334 TRP B CA   1 
ATOM 168 C C    . TRP B 1 2  ? 11.956  0.288  4.036   1.00 11.51 ? 334 TRP B C    1 
ATOM 169 O O    . TRP B 1 2  ? 11.530  -0.379 4.977   1.00 9.87  ? 334 TRP B O    1 
ATOM 170 C CB   . TRP B 1 2  ? 13.853  -0.690 2.717   1.00 16.38 ? 334 TRP B CB   1 
ATOM 171 C CG   . TRP B 1 2  ? 14.322  -1.981 3.314   1.00 18.88 ? 334 TRP B CG   1 
ATOM 172 C CD1  . TRP B 1 2  ? 15.603  -2.313 3.644   1.00 22.44 ? 334 TRP B CD1  1 
ATOM 173 C CD2  . TRP B 1 2  ? 13.505  -3.076 3.720   1.00 19.31 ? 334 TRP B CD2  1 
ATOM 174 N NE1  . TRP B 1 2  ? 15.628  -3.544 4.256   1.00 22.68 ? 334 TRP B NE1  1 
ATOM 175 C CE2  . TRP B 1 2  ? 14.356  -4.051 4.283   1.00 23.88 ? 334 TRP B CE2  1 
ATOM 176 C CE3  . TRP B 1 2  ? 12.130  -3.333 3.664   1.00 20.58 ? 334 TRP B CE3  1 
ATOM 177 C CZ2  . TRP B 1 2  ? 13.873  -5.262 4.783   1.00 23.81 ? 334 TRP B CZ2  1 
ATOM 178 C CZ3  . TRP B 1 2  ? 11.658  -4.531 4.160   1.00 22.35 ? 334 TRP B CZ3  1 
ATOM 179 C CH2  . TRP B 1 2  ? 12.522  -5.478 4.715   1.00 23.53 ? 334 TRP B CH2  1 
ATOM 180 H H    . TRP B 1 2  ? 13.774  -0.312 5.725   1.00 17.02 ? 334 TRP B H    1 
ATOM 181 H HA   . TRP B 1 2  ? 13.651  1.352  3.361   1.00 14.47 ? 334 TRP B HA   1 
ATOM 182 H HB2  . TRP B 1 2  ? 13.007  -0.906 2.067   1.00 16.19 ? 334 TRP B HB2  1 
ATOM 183 H HB3  . TRP B 1 2  ? 14.676  -0.301 2.120   1.00 16.63 ? 334 TRP B HB3  1 
ATOM 184 H HD1  . TRP B 1 2  ? 16.466  -1.667 3.498   1.00 21.82 ? 334 TRP B HD1  1 
ATOM 185 H HE1  . TRP B 1 2  ? 16.462  -4.023 4.577   1.00 22.29 ? 334 TRP B HE1  1 
ATOM 186 H HE3  . TRP B 1 2  ? 11.448  -2.604 3.231   1.00 19.97 ? 334 TRP B HE3  1 
ATOM 187 H HZ2  . TRP B 1 2  ? 14.539  -6.006 5.214   1.00 24.18 ? 334 TRP B HZ2  1 
ATOM 188 H HZ3  . TRP B 1 2  ? 10.596  -4.749 4.089   1.00 22.49 ? 334 TRP B HZ3  1 
ATOM 189 H HH2  . TRP B 1 2  ? 12.112  -6.419 5.081   1.00 23.79 ? 334 TRP B HH2  1 
ATOM 190 N N    . GLY B 1 3  ? 11.194  0.995  3.210   1.00 6.64  ? 335 GLY B N    1 
ATOM 191 C CA   . GLY B 1 3  ? 9.744   1.041  3.299   1.00 5.91  ? 335 GLY B CA   1 
ATOM 192 C C    . GLY B 1 3  ? 9.080   1.009  1.945   1.00 7.46  ? 335 GLY B C    1 
ATOM 193 O O    . GLY B 1 3  ? 9.679   1.408  0.946   1.00 6.20  ? 335 GLY B O    1 
ATOM 194 H H    . GLY B 1 3  ? 11.564  1.559  2.450   1.00 6.24  ? 335 GLY B H    1 
ATOM 195 H HA2  . GLY B 1 3  ? 9.392   0.179  3.862   1.00 6.71  ? 335 GLY B HA2  1 
ATOM 196 H HA3  . GLY B 1 3  ? 9.420   1.946  3.808   1.00 6.14  ? 335 GLY B HA3  1 
ATOM 197 N N    . MET B 1 4  ? 7.837   0.530  1.912   1.00 6.30  ? 336 MET B N    1 
ATOM 198 C CA   . MET B 1 4  ? 7.055   0.403  0.693   1.00 7.04  ? 336 MET B CA   1 
ATOM 199 C C    . MET B 1 4  ? 5.625   0.835  0.952   1.00 7.70  ? 336 MET B C    1 
ATOM 200 O O    . MET B 1 4  ? 5.136   0.702  2.069   1.00 6.59  ? 336 MET B O    1 
ATOM 201 C CB   . MET B 1 4  ? 7.052   -1.063 0.248   1.00 10.25 ? 336 MET B CB   1 
ATOM 202 C CG   . MET B 1 4  ? 8.326   -1.492 -0.387  1.00 15.47 ? 336 MET B CG   1 
ATOM 203 S SD   . MET B 1 4  ? 8.500   -3.273 -0.623  1.00 20.56 ? 336 MET B SD   1 
ATOM 204 C CE   . MET B 1 4  ? 8.462   -3.848 1.050   1.00 17.16 ? 336 MET B CE   1 
ATOM 205 H H    . MET B 1 4  ? 7.335   0.220  2.739   1.00 6.46  ? 336 MET B H    1 
ATOM 206 H HA   . MET B 1 4  ? 7.488   1.008  -0.100  1.00 6.24  ? 336 MET B HA   1 
ATOM 207 H HB2  . MET B 1 4  ? 6.881   -1.662 1.141   1.00 11.43 ? 336 MET B HB2  1 
ATOM 208 H HB3  . MET B 1 4  ? 6.248   -1.219 -0.469  1.00 9.78  ? 336 MET B HB3  1 
ATOM 209 H HG2  . MET B 1 4  ? 8.359   -1.031 -1.373  1.00 16.11 ? 336 MET B HG2  1 
ATOM 210 H HG3  . MET B 1 4  ? 9.172   -1.159 0.212   1.00 16.42 ? 336 MET B HG3  1 
ATOM 211 H HE1  . MET B 1 4  ? 9.109   -3.220 1.660   1.00 17.70 ? 336 MET B HE1  1 
ATOM 212 H HE2  . MET B 1 4  ? 8.817   -4.877 1.072   1.00 17.32 ? 336 MET B HE2  1 
ATOM 213 H HE3  . MET B 1 4  ? 7.439   -3.812 1.420   1.00 17.09 ? 336 MET B HE3  1 
ATOM 214 N N    . MET B 1 5  ? 4.960   1.353  -0.078  1.00 5.99  ? 337 MET B N    1 
ATOM 215 C CA   . MET B 1 5  ? 3.573   1.782  0.009   1.00 6.78  ? 337 MET B CA   1 
ATOM 216 C C    . MET B 1 5  ? 2.922   1.455  -1.323  1.00 8.61  ? 337 MET B C    1 
ATOM 217 O O    . MET B 1 5  ? 3.506   1.771  -2.353  1.00 8.67  ? 337 MET B O    1 
ATOM 218 C CB   . MET B 1 5  ? 3.529   3.292  0.262   1.00 9.57  ? 337 MET B CB   1 
ATOM 219 C CG   . MET B 1 5  ? 2.160   3.816  0.557   1.00 15.07 ? 337 MET B CG   1 
ATOM 220 S SD   . MET B 1 5  ? 2.197   5.602  0.844   1.00 20.84 ? 337 MET B SD   1 
ATOM 221 C CE   . MET B 1 5  ? 2.881   5.656  2.454   1.00 18.37 ? 337 MET B CE   1 
ATOM 222 H H    . MET B 1 5  ? 5.378   1.508  -0.990  1.00 5.77  ? 337 MET B H    1 
ATOM 223 H HA   . MET B 1 5  ? 3.058   1.276  0.823   1.00 7.02  ? 337 MET B HA   1 
ATOM 224 H HB2  . MET B 1 5  ? 4.167   3.512  1.116   1.00 10.12 ? 337 MET B HB2  1 
ATOM 225 H HB3  . MET B 1 5  ? 3.898   3.810  -0.621  1.00 9.87  ? 337 MET B HB3  1 
ATOM 226 H HG2  . MET B 1 5  ? 1.500   3.630  -0.288  1.00 15.16 ? 337 MET B HG2  1 
ATOM 227 H HG3  . MET B 1 5  ? 1.770   3.330  1.449   1.00 14.69 ? 337 MET B HG3  1 
ATOM 228 H HE1  . MET B 1 5  ? 2.399   4.901  3.074   1.00 18.24 ? 337 MET B HE1  1 
ATOM 229 H HE2  . MET B 1 5  ? 2.710   6.645  2.878   1.00 19.07 ? 337 MET B HE2  1 
ATOM 230 H HE3  . MET B 1 5  ? 3.949   5.458  2.395   1.00 18.47 ? 337 MET B HE3  1 
ATOM 231 N N    . GLY B 1 6  ? 1.750   0.833  -1.296  1.00 6.43  ? 338 GLY B N    1 
ATOM 232 C CA   . GLY B 1 6  ? 1.008   0.475  -2.497  1.00 6.09  ? 338 GLY B CA   1 
ATOM 233 C C    . GLY B 1 6  ? -0.461  0.763  -2.310  1.00 8.94  ? 338 GLY B C    1 
ATOM 234 O O    . GLY B 1 6  ? -0.995  0.511  -1.230  1.00 8.92  ? 338 GLY B O    1 
ATOM 235 H H    . GLY B 1 6  ? 1.272   0.560  -0.443  1.00 6.28  ? 338 GLY B H    1 
ATOM 236 H HA2  . GLY B 1 6  ? 1.361   1.058  -3.345  1.00 6.07  ? 338 GLY B HA2  1 
ATOM 237 H HA3  . GLY B 1 6  ? 1.142   -0.584 -2.712  1.00 5.82  ? 338 GLY B HA3  1 
ATOM 238 N N    . MET B 1 7  ? -1.105  1.365  -3.316  1.00 8.66  ? 339 MET B N    1 
ATOM 239 C CA   . MET B 1 7  ? -2.513  1.738  -3.241  1.00 10.22 ? 339 MET B CA   1 
ATOM 240 C C    . MET B 1 7  ? -3.176  1.398  -4.570  1.00 12.39 ? 339 MET B C    1 
ATOM 241 O O    . MET B 1 7  ? -2.547  1.533  -5.619  1.00 10.96 ? 339 MET B O    1 
ATOM 242 C CB   . MET B 1 7  ? -2.619  3.244  -2.916  1.00 13.98 ? 339 MET B CB   1 
ATOM 243 C CG   . MET B 1 7  ? -1.900  3.622  -1.615  1.00 18.48 ? 339 MET B CG   1 
ATOM 244 S SD   . MET B 1 7  ? -2.018  5.357  -1.130  1.00 23.48 ? 339 MET B SD   1 
ATOM 245 C CE   . MET B 1 7  ? -3.590  5.364  -0.402  1.00 20.44 ? 339 MET B CE   1 
ATOM 246 H H    . MET B 1 7  ? -0.670  1.623  -4.196  1.00 8.26  ? 339 MET B H    1 
ATOM 247 H HA   . MET B 1 7  ? -3.017  1.193  -2.445  1.00 9.75  ? 339 MET B HA   1 
ATOM 248 H HB2  . MET B 1 7  ? -2.154  3.808  -3.723  1.00 13.50 ? 339 MET B HB2  1 
ATOM 249 H HB3  . MET B 1 7  ? -3.669  3.516  -2.828  1.00 13.94 ? 339 MET B HB3  1 
ATOM 250 H HG2  . MET B 1 7  ? -2.316  3.023  -0.807  1.00 17.97 ? 339 MET B HG2  1 
ATOM 251 H HG3  . MET B 1 7  ? -0.836  3.415  -1.714  1.00 18.10 ? 339 MET B HG3  1 
ATOM 252 H HE1  . MET B 1 7  ? -4.166  4.519  -0.776  1.00 20.57 ? 339 MET B HE1  1 
ATOM 253 H HE2  . MET B 1 7  ? -4.086  6.297  -0.659  1.00 20.20 ? 339 MET B HE2  1 
ATOM 254 H HE3  . MET B 1 7  ? -3.474  5.277  0.678   1.00 20.43 ? 339 MET B HE3  1 
ATOM 255 N N    . LEU B 1 8  ? -4.405  0.876  -4.519  1.00 10.86 ? 340 LEU B N    1 
ATOM 256 C CA   . LEU B 1 8  ? -5.175  0.505  -5.704  1.00 11.57 ? 340 LEU B CA   1 
ATOM 257 C C    . LEU B 1 8  ? -6.615  0.895  -5.448  1.00 14.65 ? 340 LEU B C    1 
ATOM 258 O O    . LEU B 1 8  ? -7.153  0.525  -4.409  1.00 14.62 ? 340 LEU B O    1 
ATOM 259 C CB   . LEU B 1 8  ? -5.116  -1.005 -5.982  1.00 12.57 ? 340 LEU B CB   1 
ATOM 260 C CG   . LEU B 1 8  ? -3.735  -1.653 -6.115  1.00 19.20 ? 340 LEU B CG   1 
ATOM 261 C CD1  . LEU B 1 8  ? -3.187  -2.095 -4.771  1.00 20.35 ? 340 LEU B CD1  1 
ATOM 262 C CD2  . LEU B 1 8  ? -3.817  -2.899 -6.986  1.00 23.17 ? 340 LEU B CD2  1 
ATOM 263 H H    . LEU B 1 8  ? -4.898  0.693  -3.651  1.00 10.84 ? 340 LEU B H    1 
ATOM 264 H HA   . LEU B 1 8  ? -4.811  1.034  -6.583  1.00 11.91 ? 340 LEU B HA   1 
ATOM 265 H HB2  . LEU B 1 8  ? -5.644  -1.522 -5.183  1.00 12.96 ? 340 LEU B HB2  1 
ATOM 266 H HB3  . LEU B 1 8  ? -5.646  -1.179 -6.917  1.00 12.63 ? 340 LEU B HB3  1 
ATOM 267 H HG   . LEU B 1 8  ? -3.035  -0.953 -6.568  1.00 19.40 ? 340 LEU B HG   1 
ATOM 268 H HD11 . LEU B 1 8  ? -3.132  -1.265 -4.068  1.00 20.32 ? 340 LEU B HD11 1 
ATOM 269 H HD12 . LEU B 1 8  ? -2.189  -2.497 -4.933  1.00 20.30 ? 340 LEU B HD12 1 
ATOM 270 H HD13 . LEU B 1 8  ? -3.837  -2.870 -4.371  1.00 20.13 ? 340 LEU B HD13 1 
ATOM 271 H HD21 . LEU B 1 8  ? -4.585  -3.557 -6.586  1.00 22.79 ? 340 LEU B HD21 1 
ATOM 272 H HD22 . LEU B 1 8  ? -2.857  -3.414 -6.985  1.00 23.20 ? 340 LEU B HD22 1 
ATOM 273 H HD23 . LEU B 1 8  ? -4.076  -2.599 -7.999  1.00 23.18 ? 340 LEU B HD23 1 
ATOM 274 N N    . ALA B 1 9  ? -7.226  1.655  -6.360  1.00 12.54 ? 341 ALA B N    1 
ATOM 275 C CA   . ALA B 1 9  ? -8.614  2.097  -6.226  1.00 13.85 ? 341 ALA B CA   1 
ATOM 276 C C    . ALA B 1 9  ? -9.323  1.923  -7.556  1.00 18.80 ? 341 ALA B C    1 
ATOM 277 O O    . ALA B 1 9  ? -8.714  2.135  -8.606  1.00 19.29 ? 341 ALA B O    1 
ATOM 278 C CB   . ALA B 1 9  ? -8.649  3.550  -5.802  1.00 15.21 ? 341 ALA B CB   1 
ATOM 279 H H    . ALA B 1 9  ? -6.785  1.983  -7.213  1.00 12.60 ? 341 ALA B H    1 
ATOM 280 H HA   . ALA B 1 9  ? -9.146  1.511  -5.479  1.00 14.08 ? 341 ALA B HA   1 
ATOM 281 H HB1  . ALA B 1 9  ? -8.183  3.652  -4.824  1.00 15.56 ? 341 ALA B HB1  1 
ATOM 282 H HB2  . ALA B 1 9  ? -9.685  3.886  -5.766  1.00 15.16 ? 341 ALA B HB2  1 
ATOM 283 H HB3  . ALA B 1 9  ? -8.090  4.120  -6.539  1.00 15.52 ? 341 ALA B HB3  1 
ATOM 284 N N    . SER B 1 10 ? -10.602 1.535  -7.518  1.00 16.34 ? 342 SER B N    1 
ATOM 285 C CA   . SER B 1 10 ? -11.366 1.304  -8.739  1.00 16.97 ? 342 SER B CA   1 
ATOM 286 C C    . SER B 1 10 ? -12.855 1.422  -8.501  1.00 20.09 ? 342 SER B C    1 
ATOM 287 O O    . SER B 1 10 ? -13.343 1.048  -7.437  1.00 20.25 ? 342 SER B O    1 
ATOM 288 C CB   . SER B 1 10 ? -11.044 -0.077 -9.295  1.00 21.50 ? 342 SER B CB   1 
ATOM 289 O OG   . SER B 1 10 ? -11.182 -1.082 -8.305  1.00 31.75 ? 342 SER B OG   1 
ATOM 290 H H    . SER B 1 10 ? -11.126 1.370  -6.665  1.00 16.30 ? 342 SER B H    1 
ATOM 291 H HA   . SER B 1 10 ? -11.092 2.044  -9.490  1.00 17.05 ? 342 SER B HA   1 
ATOM 292 H HB2  . SER B 1 10 ? -11.711 -0.296 -10.127 1.00 21.79 ? 342 SER B HB2  1 
ATOM 293 H HB3  . SER B 1 10 ? -10.010 -0.051 -9.631  1.00 21.42 ? 342 SER B HB3  1 
ATOM 294 N N    . GLN B 1 11 ? -13.571 1.934  -9.501  1.00 17.26 ? 343 GLN B N    1 
ATOM 295 C CA   . GLN B 1 11 ? -15.012 2.115  -9.441  1.00 18.45 ? 343 GLN B CA   1 
ATOM 296 C C    . GLN B 1 11 ? -15.632 1.245  -10.526 1.00 31.20 ? 343 GLN B C    1 
ATOM 297 O O    . GLN B 1 11 ? -16.506 0.414  -10.199 1.00 30.72 ? 343 GLN B O    1 
ATOM 298 C CB   . GLN B 1 11 ? -15.341 3.606  -9.639  1.00 20.10 ? 343 GLN B CB   1 
ATOM 299 C CG   . GLN B 1 11 ? -16.670 4.057  -9.035  1.00 33.96 ? 343 GLN B CG   1 
ATOM 300 C CD   . GLN B 1 11 ? -16.507 5.235  -8.107  1.00 55.52 ? 343 GLN B CD   1 
ATOM 301 O OE1  . GLN B 1 11 ? -16.761 5.139  -6.904  1.00 50.82 ? 343 GLN B OE1  1 
ATOM 302 O OXT  . GLN B 1 11 ? -15.184 1.338  -11.687 1.00 50.35 ? 343 GLN B OXT  1 
ATOM 303 H H    . GLN B 1 11 ? -13.177 2.225  -10.391 1.00 17.53 ? 343 GLN B H    1 
ATOM 304 H HA   . GLN B 1 11 ? -15.409 1.790  -8.481  1.00 18.16 ? 343 GLN B HA   1 
ATOM 305 H HB2  . GLN B 1 11 ? -14.547 4.179  -9.160  1.00 20.23 ? 343 GLN B HB2  1 
ATOM 306 H HB3  . GLN B 1 11 ? -15.345 3.844  -10.699 1.00 20.26 ? 343 GLN B HB3  1 
ATOM 307 H HG2  . GLN B 1 11 ? -17.346 4.350  -9.838  1.00 34.58 ? 343 GLN B HG2  1 
ATOM 308 H HG3  . GLN B 1 11 ? -17.108 3.244  -8.458  1.00 33.94 ? 343 GLN B HG3  1 
# 
loop_
_atom_site_anisotrop.id 
_atom_site_anisotrop.type_symbol 
_atom_site_anisotrop.pdbx_label_atom_id 
_atom_site_anisotrop.pdbx_label_alt_id 
_atom_site_anisotrop.pdbx_label_comp_id 
_atom_site_anisotrop.pdbx_label_asym_id 
_atom_site_anisotrop.pdbx_label_seq_id 
_atom_site_anisotrop.pdbx_PDB_ins_code 
_atom_site_anisotrop.U[1][1] 
_atom_site_anisotrop.U[2][2] 
_atom_site_anisotrop.U[3][3] 
_atom_site_anisotrop.U[1][2] 
_atom_site_anisotrop.U[1][3] 
_atom_site_anisotrop.U[2][3] 
_atom_site_anisotrop.pdbx_auth_seq_id 
_atom_site_anisotrop.pdbx_auth_comp_id 
_atom_site_anisotrop.pdbx_auth_asym_id 
_atom_site_anisotrop.pdbx_auth_atom_id 
1   N N    . SER A 1  ? 0.3110 0.3798 0.2939 0.0123  -0.0052 0.0141 333 SER A N    
2   C CA   . SER A 1  ? 0.3083 0.3683 0.2834 0.0146  -0.0031 0.0174 333 SER A CA   
3   C C    . SER A 1  ? 0.3377 0.3888 0.3120 0.0108  -0.0013 0.0181 333 SER A C    
4   O O    . SER A 1  ? 0.3346 0.3858 0.3143 0.0069  -0.0006 0.0172 333 SER A O    
5   C CB   . SER A 1  ? 0.3462 0.4058 0.3185 0.0181  -0.0007 0.0208 333 SER A CB   
6   O OG   . SER A 1  ? 0.4466 0.4977 0.4115 0.0199  0.0012  0.0234 333 SER A OG   
7   H H1   . SER A 1  ? 0.3140 0.3884 0.2995 0.0137  -0.0050 0.0148 333 SER A H1   
8   H HA   . SER A 1  ? 0.3057 0.3653 0.2767 0.0170  -0.0045 0.0167 333 SER A HA   
9   H HB2  . SER A 1  ? 0.3426 0.4088 0.3153 0.0213  -0.0018 0.0205 333 SER A HB2  
10  H HB3  . SER A 1  ? 0.3417 0.4008 0.3173 0.0160  0.0009  0.0218 333 SER A HB3  
11  H HG   . SER A 1  ? 0.4496 0.5022 0.4111 0.0237  0.0013  0.0244 333 SER A HG   
12  N N    . TRP A 2  ? 0.2730 0.3168 0.2411 0.0119  -0.0004 0.0198 334 TRP A N    
13  C CA   . TRP A 2  ? 0.2605 0.2969 0.2276 0.0088  0.0011  0.0206 334 TRP A CA   
14  C C    . TRP A 2  ? 0.2543 0.2840 0.2152 0.0102  0.0028  0.0234 334 TRP A C    
15  O O    . TRP A 2  ? 0.2538 0.2830 0.2101 0.0134  0.0027  0.0244 334 TRP A O    
16  C CB   . TRP A 2  ? 0.2590 0.2948 0.2269 0.0069  -0.0007 0.0179 334 TRP A CB   
17  C CG   . TRP A 2  ? 0.2784 0.3131 0.2515 0.0027  0.0000  0.0165 334 TRP A CG   
18  C CD1  . TRP A 2  ? 0.3192 0.3591 0.2985 0.0004  -0.0008 0.0138 334 TRP A CD1  
19  C CD2  . TRP A 2  ? 0.2792 0.3074 0.2516 0.0005  0.0022  0.0181 334 TRP A CD2  
20  N NE1  . TRP A 2  ? 0.3173 0.3533 0.2997 -0.0033 0.0011  0.0137 334 TRP A NE1  
21  C CE2  . TRP A 2  ? 0.3310 0.3599 0.3090 -0.0029 0.0030  0.0164 334 TRP A CE2  
22  C CE3  . TRP A 2  ? 0.2967 0.3190 0.2643 0.0011  0.0037  0.0207 334 TRP A CE3  
23  C CZ2  . TRP A 2  ? 0.3219 0.3451 0.3002 -0.0050 0.0055  0.0177 334 TRP A CZ2  
24  C CZ3  . TRP A 2  ? 0.3130 0.3309 0.2813 -0.0010 0.0056  0.0217 334 TRP A CZ3  
25  C CH2  . TRP A 2  ? 0.3223 0.3403 0.2953 -0.0038 0.0066  0.0204 334 TRP A CH2  
26  H H    . TRP A 2  ? 0.2724 0.3156 0.2361 0.0149  -0.0006 0.0206 334 TRP A H    
27  H HA   . TRP A 2  ? 0.2538 0.2900 0.2242 0.0067  0.0023  0.0211 334 TRP A HA   
28  H HB2  . TRP A 2  ? 0.2646 0.3050 0.2330 0.0082  -0.0028 0.0158 334 TRP A HB2  
29  H HB3  . TRP A 2  ? 0.2593 0.2903 0.2231 0.0075  -0.0002 0.0190 334 TRP A HB3  
30  H HD1  . TRP A 2  ? 0.3157 0.3621 0.2973 0.0014  -0.0027 0.0121 334 TRP A HD1  
31  H HE1  . TRP A 2  ? 0.3181 0.3564 0.3057 -0.0058 0.0013  0.0119 334 TRP A HE1  
32  H HE3  . TRP A 2  ? 0.2954 0.3168 0.2592 0.0033  0.0035  0.0220 334 TRP A HE3  
33  H HZ2  . TRP A 2  ? 0.3227 0.3458 0.3051 -0.0076 0.0066  0.0165 334 TRP A HZ2  
34  H HZ3  . TRP A 2  ? 0.3121 0.3264 0.2769 -0.0006 0.0065  0.0237 334 TRP A HZ3  
35  H HH2  . TRP A 2  ? 0.3234 0.3375 0.2962 -0.0049 0.0085  0.0215 334 TRP A HH2  
36  N N    . GLY A 3  ? 0.1607 0.1853 0.1212 0.0078  0.0045  0.0248 335 GLY A N    
37  C CA   . GLY A 3  ? 0.1481 0.1669 0.1037 0.0082  0.0059  0.0270 335 GLY A CA   
38  C C    . GLY A 3  ? 0.1679 0.1827 0.1240 0.0053  0.0070  0.0278 335 GLY A C    
39  O O    . GLY A 3  ? 0.1713 0.1865 0.1305 0.0037  0.0079  0.0278 335 GLY A O    
40  H H    . GLY A 3  ? 0.1659 0.1907 0.1299 0.0055  0.0050  0.0243 335 GLY A H    
41  H HA2  . GLY A 3  ? 0.1570 0.1752 0.1102 0.0094  0.0052  0.0269 335 GLY A HA2  
42  H HA3  . GLY A 3  ? 0.1428 0.1608 0.0965 0.0095  0.0071  0.0284 335 GLY A HA3  
43  N N    . MET A 4  ? 0.1215 0.1330 0.0747 0.0050  0.0070  0.0285 336 MET A N    
44  C CA   . MET A 4  ? 0.1223 0.1307 0.0752 0.0031  0.0079  0.0295 336 MET A CA   
45  C C    . MET A 4  ? 0.1422 0.1478 0.0911 0.0033  0.0083  0.0310 336 MET A C    
46  O O    . MET A 4  ? 0.1306 0.1361 0.0776 0.0047  0.0077  0.0310 336 MET A O    
47  C CB   . MET A 4  ? 0.1666 0.1751 0.1218 0.0018  0.0074  0.0283 336 MET A CB   
48  C CG   . MET A 4  ? 0.2253 0.2353 0.1803 0.0031  0.0058  0.0266 336 MET A CG   
49  S SD   . MET A 4  ? 0.2869 0.2943 0.2413 0.0023  0.0058  0.0261 336 MET A SD   
50  C CE   . MET A 4  ? 0.2467 0.2532 0.2053 -0.0002 0.0072  0.0254 336 MET A CE   
51  H H    . MET A 4  ? 0.1199 0.1310 0.0707 0.0064  0.0064  0.0286 336 MET A H    
52  H HA   . MET A 4  ? 0.1211 0.1291 0.0749 0.0024  0.0089  0.0301 336 MET A HA   
53  H HB2  . MET A 4  ? 0.1624 0.1686 0.1163 0.0013  0.0080  0.0294 336 MET A HB2  
54  H HB3  . MET A 4  ? 0.1685 0.1780 0.1270 0.0008  0.0078  0.0275 336 MET A HB3  
55  H HG2  . MET A 4  ? 0.2303 0.2431 0.1874 0.0031  0.0049  0.0249 336 MET A HG2  
56  H HG3  . MET A 4  ? 0.2241 0.2338 0.1761 0.0046  0.0055  0.0274 336 MET A HG3  
57  H HE1  . MET A 4  ? 0.2391 0.2445 0.1973 -0.0006 0.0085  0.0271 336 MET A HE1  
58  H HE2  . MET A 4  ? 0.2535 0.2579 0.2117 -0.0006 0.0076  0.0250 336 MET A HE2  
59  H HE3  . MET A 4  ? 0.2449 0.2539 0.2063 -0.0008 0.0066  0.0237 336 MET A HE3  
60  N N    . MET A 5  ? 0.1094 0.1128 0.0572 0.0020  0.0092  0.0322 337 MET A N    
61  C CA   . MET A 5  ? 0.1214 0.1232 0.0665 0.0014  0.0094  0.0333 337 MET A CA   
62  C C    . MET A 5  ? 0.1304 0.1318 0.0757 0.0002  0.0097  0.0340 337 MET A C    
63  O O    . MET A 5  ? 0.1235 0.1249 0.0703 -0.0002 0.0101  0.0341 337 MET A O    
64  C CB   . MET A 5  ? 0.1689 0.1684 0.1111 0.0016  0.0104  0.0338 337 MET A CB   
65  C CG   . MET A 5  ? 0.2394 0.2379 0.1813 0.0011  0.0112  0.0340 337 MET A CG   
66  S SD   . MET A 5  ? 0.3061 0.3007 0.2433 0.0012  0.0126  0.0343 337 MET A SD   
67  C CE   . MET A 5  ? 0.2714 0.2645 0.2067 -0.0012 0.0122  0.0345 337 MET A CE   
68  H H    . MET A 5  ? 0.1075 0.1109 0.0567 0.0013  0.0099  0.0324 337 MET A H    
69  H HA   . MET A 5  ? 0.1212 0.1232 0.0657 0.0022  0.0090  0.0333 337 MET A HA   
70  H HB2  . MET A 5  ? 0.1724 0.1707 0.1129 0.0007  0.0105  0.0343 337 MET A HB2  
71  H HB3  . MET A 5  ? 0.1694 0.1691 0.1110 0.0030  0.0105  0.0335 337 MET A HB3  
72  H HG2  . MET A 5  ? 0.2429 0.2429 0.1869 0.0018  0.0113  0.0336 337 MET A HG2  
73  H HG3  . MET A 5  ? 0.2396 0.2379 0.1816 0.0000  0.0112  0.0343 337 MET A HG3  
74  H HE1  . MET A 5  ? 0.2617 0.2558 0.1976 -0.0018 0.0119  0.0346 337 MET A HE1  
75  H HE2  . MET A 5  ? 0.2699 0.2600 0.2022 -0.0017 0.0131  0.0344 337 MET A HE2  
76  H HE3  . MET A 5  ? 0.2673 0.2616 0.2035 -0.0014 0.0116  0.0346 337 MET A HE3  
77  N N    . GLY A 6  ? 0.0644 0.0737 0.0464 0.0021  0.0044  0.0169 338 GLY A N    
78  C CA   . GLY A 6  ? 0.0628 0.0736 0.0465 0.0016  0.0040  0.0169 338 GLY A CA   
79  C C    . GLY A 6  ? 0.0851 0.0932 0.0508 -0.0006 0.0059  0.0257 338 GLY A C    
80  O O    . GLY A 6  ? 0.0625 0.0741 0.0463 0.0005  0.0034  0.0169 338 GLY A O    
81  H H    . GLY A 6  ? 0.0616 0.0712 0.0458 0.0024  0.0040  0.0157 338 GLY A H    
82  H HA2  . GLY A 6  ? 0.0573 0.0684 0.0454 0.0018  0.0035  0.0147 338 GLY A HA2  
83  H HA3  . GLY A 6  ? 0.0674 0.0779 0.0477 0.0019  0.0047  0.0191 338 GLY A HA3  
84  N N    . MET A 7  ? 0.0645 0.0771 0.0468 -0.0002 0.0034  0.0181 339 MET A N    
85  C CA   . MET A 7  ? 0.0836 0.0952 0.0502 -0.0027 0.0048  0.0256 339 MET A CA   
86  C C    . MET A 7  ? 0.1321 0.1423 0.0734 -0.0035 0.0077  0.0387 339 MET A C    
87  O O    . MET A 7  ? 0.1212 0.1308 0.0620 -0.0024 0.0083  0.0390 339 MET A O    
88  C CB   . MET A 7  ? 0.1293 0.1340 0.0678 -0.0058 0.0082  0.0364 339 MET A CB   
89  C CG   . MET A 7  ? 0.1916 0.1924 0.1290 -0.0058 0.0090  0.0355 339 MET A CG   
90  S SD   . MET A 7  ? 0.2606 0.2579 0.1942 -0.0077 0.0094  0.0344 339 MET A SD   
91  C CE   . MET A 7  ? 0.2231 0.2163 0.1557 -0.0061 0.0109  0.0342 339 MET A CE   
92  H H    . MET A 7  ? 0.0684 0.0802 0.0476 0.0000  0.0040  0.0196 339 MET A H    
93  H HA   . MET A 7  ? 0.0851 0.0969 0.0506 -0.0031 0.0048  0.0265 339 MET A HA   
94  H HB2  . MET A 7  ? 0.1250 0.1293 0.0626 -0.0052 0.0083  0.0364 339 MET A HB2  
95  H HB3  . MET A 7  ? 0.1335 0.1399 0.0717 -0.0074 0.0075  0.0361 339 MET A HB3  
96  H HG2  . MET A 7  ? 0.1920 0.1929 0.1303 -0.0057 0.0091  0.0357 339 MET A HG2  
97  H HG3  . MET A 7  ? 0.1858 0.1856 0.1237 -0.0044 0.0095  0.0356 339 MET A HG3  
98  H HE1  . MET A 7  ? 0.2099 0.2044 0.1445 -0.0050 0.0109  0.0346 339 MET A HE1  
99  H HE2  . MET A 7  ? 0.2342 0.2247 0.1648 -0.0073 0.0117  0.0337 339 MET A HE2  
100 H HE3  . MET A 7  ? 0.2195 0.2117 0.1513 -0.0052 0.0113  0.0342 339 MET A HE3  
101 N N    . LEU A 8  ? 0.1224 0.1365 0.0646 -0.0042 0.0070  0.0394 340 LEU A N    
102 C CA   . LEU A 8  ? 0.1358 0.1546 0.0784 -0.0031 0.0065  0.0408 340 LEU A CA   
103 C C    . LEU A 8  ? 0.1855 0.2090 0.1286 -0.0053 0.0052  0.0405 340 LEU A C    
104 O O    . LEU A 8  ? 0.1705 0.1945 0.1153 -0.0068 0.0052  0.0403 340 LEU A O    
105 C CB   . LEU A 8  ? 0.1500 0.1697 0.0939 -0.0007 0.0074  0.0424 340 LEU A CB   
106 C CG   . LEU A 8  ? 0.2371 0.2603 0.1806 0.0016  0.0077  0.0445 340 LEU A CG   
107 C CD1  . LEU A 8  ? 0.2513 0.2726 0.1952 0.0041  0.0093  0.0457 340 LEU A CD1  
108 C CD2  . LEU A 8  ? 0.2672 0.2974 0.2119 0.0010  0.0064  0.0453 340 LEU A CD2  
109 H H    . LEU A 8  ? 0.1238 0.1383 0.0667 -0.0052 0.0068  0.0392 340 LEU A H    
110 H HA   . LEU A 8  ? 0.1341 0.1523 0.0751 -0.0022 0.0067  0.0410 340 LEU A HA   
111 H HB2  . LEU A 8  ? 0.1500 0.1659 0.0938 0.0001  0.0082  0.0420 340 LEU A HB2  
112 H HB3  . LEU A 8  ? 0.1487 0.1696 0.0938 -0.0013 0.0072  0.0426 340 LEU A HB3  
113 H HG   . LEU A 8  ? 0.2329 0.2553 0.1749 0.0022  0.0080  0.0444 340 LEU A HG   
114 H HD11 . LEU A 8  ? 0.2419 0.2588 0.1858 0.0040  0.0100  0.0447 340 LEU A HD11 
115 H HD12 . LEU A 8  ? 0.2466 0.2688 0.1895 0.0061  0.0101  0.0472 340 LEU A HD12 
116 H HD13 . LEU A 8  ? 0.2439 0.2673 0.1890 0.0043  0.0092  0.0464 340 LEU A HD13 
117 H HD21 . LEU A 8  ? 0.2625 0.2936 0.2089 -0.0001 0.0063  0.0452 340 LEU A HD21 
118 H HD22 . LEU A 8  ? 0.2674 0.3002 0.2119 0.0034  0.0070  0.0472 340 LEU A HD22 
119 H HD23 . LEU A 8  ? 0.2711 0.3032 0.2150 -0.0003 0.0054  0.0445 340 LEU A HD23 
120 N N    . ALA A 9  ? 0.1667 0.1938 0.1085 -0.0055 0.0040  0.0404 341 ALA A N    
121 C CA   . ALA A 9  ? 0.1750 0.2077 0.1178 -0.0080 0.0023  0.0396 341 ALA A CA   
122 C C    . ALA A 9  ? 0.2179 0.2579 0.1610 -0.0057 0.0014  0.0413 341 ALA A C    
123 O O    . ALA A 9  ? 0.2162 0.2553 0.1568 -0.0030 0.0019  0.0422 341 ALA A O    
124 C CB   . ALA A 9  ? 0.1932 0.2236 0.1332 -0.0105 0.0014  0.0371 341 ALA A CB   
125 H H    . ALA A 9  ? 0.1799 0.2061 0.1199 -0.0040 0.0043  0.0407 341 ALA A H    
126 H HA   . ALA A 9  ? 0.1720 0.2058 0.1171 -0.0095 0.0024  0.0396 341 ALA A HA   
127 H HB1  . ALA A 9  ? 0.1938 0.2189 0.1332 -0.0117 0.0023  0.0362 341 ALA A HB1  
128 H HB2  . ALA A 9  ? 0.1907 0.2256 0.1315 -0.0126 0.0000  0.0362 341 ALA A HB2  
129 H HB3  . ALA A 9  ? 0.1942 0.2235 0.1316 -0.0087 0.0014  0.0374 341 ALA A HB3  
130 N N    . SER A 10 ? 0.1838 0.2311 0.1301 -0.0066 0.0004  0.0421 342 SER A N    
131 C CA   . SER A 10 ? 0.1893 0.2449 0.1360 -0.0040 -0.0005 0.0439 342 SER A CA   
132 C C    . SER A 10 ? 0.2328 0.2971 0.1824 -0.0071 -0.0028 0.0429 342 SER A C    
133 O O    . SER A 10 ? 0.2340 0.3002 0.1875 -0.0093 -0.0025 0.0430 342 SER A O    
134 C CB   . SER A 10 ? 0.2439 0.3000 0.1917 -0.0003 0.0013  0.0471 342 SER A CB   
135 O OG   . SER A 10 ? 0.3838 0.4468 0.3310 0.0032  0.0011  0.0493 342 SER A OG   
136 H H    . SER A 10 ? 0.1794 0.2272 0.1278 -0.0088 0.0004  0.0415 342 SER A H    
137 H HA   . SER A 10 ? 0.1940 0.2491 0.1376 -0.0024 -0.0008 0.0439 342 SER A HA   
138 H HB2  . SER A 10 ? 0.2462 0.2956 0.1924 0.0011  0.0029  0.0473 342 SER A HB2  
139 H HB3  . SER A 10 ? 0.2384 0.2963 0.1892 -0.0015 0.0014  0.0475 342 SER A HB3  
140 N N    . GLN A 11 ? 0.1944 0.2645 0.1424 -0.0072 -0.0050 0.0419 343 GLN A N    
141 C CA   . GLN A 11 ? 0.2217 0.3018 0.1727 -0.0101 -0.0078 0.0404 343 GLN A CA   
142 C C    . GLN A 11 ? 0.3470 0.4370 0.2986 -0.0057 -0.0084 0.0434 343 GLN A C    
143 O O    . GLN A 11 ? 0.3792 0.4675 0.3265 -0.0011 -0.0077 0.0449 343 GLN A O    
144 C CB   . GLN A 11 ? 0.2442 0.3235 0.1919 -0.0133 -0.0101 0.0367 343 GLN A CB   
145 C CG   . GLN A 11 ? 0.4410 0.5138 0.3894 -0.0190 -0.0097 0.0334 343 GLN A CG   
146 C CD   . GLN A 11 ? 0.7024 0.7817 0.6568 -0.0236 -0.0106 0.0323 343 GLN A CD   
147 O OE1  . GLN A 11 ? 0.6479 0.7386 0.6061 -0.0235 -0.0125 0.0331 343 GLN A OE1  
148 N NE2  . GLN A 11 ? 0.6258 0.6982 0.5813 -0.0279 -0.0091 0.0304 343 GLN A NE2  
149 O OXT  . GLN A 11 ? 0.5937 0.6926 0.5502 -0.0063 -0.0091 0.0445 343 GLN A OXT  
150 H H    . GLN A 11 ? 0.1901 0.2582 0.1346 -0.0051 -0.0050 0.0419 343 GLN A H    
151 H HA   . GLN A 11 ? 0.2240 0.3053 0.1789 -0.0129 -0.0074 0.0402 343 GLN A HA   
152 H HB2  . GLN A 11 ? 0.2451 0.3194 0.1883 -0.0108 -0.0093 0.0368 343 GLN A HB2  
153 H HB3  . GLN A 11 ? 0.2482 0.3364 0.1969 -0.0138 -0.0124 0.0360 343 GLN A HB3  
154 H HG2  . GLN A 11 ? 0.4384 0.5034 0.3864 -0.0183 -0.0075 0.0343 343 GLN A HG2  
155 H HG3  . GLN A 11 ? 0.4446 0.5152 0.3896 -0.0204 -0.0110 0.0309 343 GLN A HG3  
156 N N    . SER B 1  ? 0.1743 0.3063 0.3234 -0.0502 -0.0203 0.0970 333 SER B N    
157 C CA   . SER B 1  ? 0.1678 0.2910 0.3091 -0.0511 -0.0205 0.0908 333 SER B CA   
158 C C    . SER B 1  ? 0.1899 0.3017 0.3269 -0.0472 -0.0175 0.0832 333 SER B C    
159 O O    . SER B 1  ? 0.1892 0.2997 0.3254 -0.0465 -0.0162 0.0814 333 SER B O    
160 C CB   . SER B 1  ? 0.2229 0.3479 0.3544 -0.0589 -0.0234 0.0892 333 SER B CB   
161 O OG   . SER B 1  ? 0.3284 0.4499 0.4526 -0.0613 -0.0228 0.0848 333 SER B OG   
162 H H1   . SER B 1  ? 0.1737 0.3137 0.3291 -0.0509 -0.0216 0.1034 333 SER B H1   
163 H HA   . SER B 1  ? 0.1708 0.2945 0.3162 -0.0493 -0.0205 0.0931 333 SER B HA   
164 H HB2  . SER B 1  ? 0.2164 0.3363 0.3438 -0.0593 -0.0235 0.0859 333 SER B HB2  
165 H HB3  . SER B 1  ? 0.2261 0.3606 0.3606 -0.0623 -0.0256 0.0951 333 SER B HB3  
166 N N    . TRP B 2  ? 0.1388 0.2427 0.2732 -0.0451 -0.0165 0.0791 334 TRP B N    
167 C CA   . TRP B 2  ? 0.1248 0.2189 0.2554 -0.0418 -0.0140 0.0727 334 TRP B CA   
168 C C    . TRP B 2  ? 0.0749 0.1625 0.2001 -0.0420 -0.0143 0.0682 334 TRP B C    
169 O O    . TRP B 2  ? 0.0554 0.1417 0.1778 -0.0408 -0.0160 0.0700 334 TRP B O    
170 C CB   . TRP B 2  ? 0.1308 0.2228 0.2687 -0.0365 -0.0105 0.0737 334 TRP B CB   
171 C CG   . TRP B 2  ? 0.1578 0.2546 0.3049 -0.0343 -0.0099 0.0799 334 TRP B CG   
172 C CD1  . TRP B 2  ? 0.1970 0.3028 0.3527 -0.0338 -0.0099 0.0870 334 TRP B CD1  
173 C CD2  . TRP B 2  ? 0.1638 0.2573 0.3126 -0.0325 -0.0091 0.0803 334 TRP B CD2  
174 N NE1  . TRP B 2  ? 0.1968 0.3050 0.3600 -0.0314 -0.0093 0.0921 334 TRP B NE1  
175 C CE2  . TRP B 2  ? 0.2162 0.3163 0.3750 -0.0306 -0.0086 0.0878 334 TRP B CE2  
176 C CE3  . TRP B 2  ? 0.1842 0.2702 0.3274 -0.0323 -0.0089 0.0753 334 TRP B CE3  
177 C CZ2  . TRP B 2  ? 0.2145 0.3129 0.3774 -0.0286 -0.0078 0.0902 334 TRP B CZ2  
178 C CZ3  . TRP B 2  ? 0.2061 0.2906 0.3526 -0.0307 -0.0081 0.0774 334 TRP B CZ3  
179 C CH2  . TRP B 2  ? 0.2159 0.3063 0.3719 -0.0288 -0.0076 0.0847 334 TRP B CH2  
180 H H    . TRP B 2  ? 0.1357 0.2404 0.2706 -0.0457 -0.0176 0.0805 334 TRP B H    
181 H HA   . TRP B 2  ? 0.1101 0.2032 0.2364 -0.0435 -0.0142 0.0703 334 TRP B HA   
182 H HB2  . TRP B 2  ? 0.1317 0.2167 0.2667 -0.0348 -0.0089 0.0694 334 TRP B HB2  
183 H HB3  . TRP B 2  ? 0.1327 0.2267 0.2722 -0.0362 -0.0096 0.0743 334 TRP B HB3  
184 H HD1  . TRP B 2  ? 0.1873 0.2981 0.3437 -0.0351 -0.0106 0.0887 334 TRP B HD1  
185 H HE1  . TRP B 2  ? 0.1869 0.3018 0.3581 -0.0303 -0.0091 0.0983 334 TRP B HE1  
186 H HE3  . TRP B 2  ? 0.1803 0.2617 0.3167 -0.0334 -0.0091 0.0703 334 TRP B HE3  
187 H HZ2  . TRP B 2  ? 0.2146 0.3182 0.3860 -0.0269 -0.0073 0.0967 334 TRP B HZ2  
188 H HZ3  . TRP B 2  ? 0.2112 0.2903 0.3532 -0.0307 -0.0078 0.0736 334 TRP B HZ3  
189 H HH2  . TRP B 2  ? 0.2189 0.3075 0.3775 -0.0275 -0.0068 0.0861 334 TRP B HH2  
190 N N    . GLY B 3  ? 0.0445 0.0900 0.1178 -0.0182 -0.0193 0.0597 335 GLY B N    
191 C CA   . GLY B 3  ? 0.0430 0.0783 0.1033 -0.0143 -0.0182 0.0512 335 GLY B CA   
192 C C    . GLY B 3  ? 0.0491 0.0984 0.1359 -0.0247 -0.0147 0.0527 335 GLY B C    
193 O O    . GLY B 3  ? 0.0434 0.0791 0.1132 -0.0146 -0.0162 0.0505 335 GLY B O    
194 H H    . GLY B 3  ? 0.0431 0.0838 0.1103 -0.0153 -0.0192 0.0575 335 GLY B H    
195 H HA2  . GLY B 3  ? 0.0454 0.0895 0.1201 -0.0191 -0.0189 0.0573 335 GLY B HA2  
196 H HA3  . GLY B 3  ? 0.0449 0.0833 0.1049 -0.0176 -0.0204 0.0537 335 GLY B HA3  
197 N N    . MET B 4  ? 0.0443 0.0798 0.1152 -0.0159 -0.0162 0.0493 336 MET B N    
198 C CA   . MET B 4  ? 0.0480 0.0888 0.1307 -0.0214 -0.0128 0.0469 336 MET B CA   
199 C C    . MET B 4  ? 0.0523 0.0987 0.1417 -0.0282 -0.0120 0.0451 336 MET B C    
200 O O    . MET B 4  ? 0.0474 0.0836 0.1196 -0.0200 -0.0151 0.0446 336 MET B O    
201 C CB   . MET B 4  ? 0.0732 0.1307 0.1854 -0.0337 -0.0069 0.0496 336 MET B CB   
202 C CG   . MET B 4  ? 0.1375 0.1958 0.2545 -0.0322 -0.0047 0.0516 336 MET B CG   
203 S SD   . MET B 4  ? 0.2010 0.2567 0.3234 -0.0296 -0.0009 0.0532 336 MET B SD   
204 C CE   . MET B 4  ? 0.1552 0.2155 0.2811 -0.0298 -0.0034 0.0576 336 MET B CE   
205 H H    . MET B 4  ? 0.0452 0.0827 0.1173 -0.0176 -0.0167 0.0500 336 MET B H    
206 H HA   . MET B 4  ? 0.0443 0.0770 0.1157 -0.0151 -0.0139 0.0451 336 MET B HA   
207 H HB2  . MET B 4  ? 0.0872 0.1462 0.2010 -0.0339 -0.0077 0.0514 336 MET B HB2  
208 H HB3  . MET B 4  ? 0.0695 0.1232 0.1789 -0.0335 -0.0060 0.0471 336 MET B HB3  
209 H HG2  . MET B 4  ? 0.1471 0.2032 0.2619 -0.0322 -0.0037 0.0494 336 MET B HG2  
210 H HG3  . MET B 4  ? 0.1471 0.2100 0.2667 -0.0327 -0.0059 0.0544 336 MET B HG3  
211 H HE1  . MET B 4  ? 0.1599 0.2254 0.2873 -0.0310 -0.0055 0.0600 336 MET B HE1  
212 H HE2  . MET B 4  ? 0.1559 0.2156 0.2867 -0.0280 -0.0011 0.0598 336 MET B HE2  
213 H HE3  . MET B 4  ? 0.1563 0.2150 0.2783 -0.0310 -0.0047 0.0556 336 MET B HE3  
214 N N    . MET B 5  ? 0.0447 0.0733 0.1096 -0.0149 -0.0142 0.0410 337 MET B N    
215 C CA   . MET B 5  ? 0.0492 0.0849 0.1235 -0.0223 -0.0130 0.0402 337 MET B CA   
216 C C    . MET B 5  ? 0.0601 0.1099 0.1571 -0.0356 -0.0091 0.0406 337 MET B C    
217 O O    . MET B 5  ? 0.0613 0.1102 0.1581 -0.0356 -0.0084 0.0403 337 MET B O    
218 C CB   . MET B 5  ? 0.0722 0.1235 0.1679 -0.0372 -0.0105 0.0412 337 MET B CB   
219 C CG   . MET B 5  ? 0.1428 0.1929 0.2368 -0.0371 -0.0105 0.0399 337 MET B CG   
220 S SD   . MET B 5  ? 0.2176 0.2653 0.3091 -0.0379 -0.0096 0.0391 337 MET B SD   
221 C CE   . MET B 5  ? 0.1863 0.2354 0.2764 -0.0410 -0.0099 0.0393 337 MET B CE   
222 H H    . MET B 5  ? 0.0435 0.0697 0.1060 -0.0128 -0.0140 0.0402 337 MET B H    
223 H HA   . MET B 5  ? 0.0504 0.0886 0.1276 -0.0242 -0.0130 0.0407 337 MET B HA   
224 H HB2  . MET B 5  ? 0.0786 0.1315 0.1744 -0.0386 -0.0109 0.0421 337 MET B HB2  
225 H HB3  . MET B 5  ? 0.0764 0.1269 0.1717 -0.0370 -0.0101 0.0409 337 MET B HB3  
226 H HG2  . MET B 5  ? 0.1443 0.1937 0.2382 -0.0361 -0.0103 0.0396 337 MET B HG2  
227 H HG3  . MET B 5  ? 0.1376 0.1887 0.2318 -0.0376 -0.0108 0.0400 337 MET B HG3  
228 H HE1  . MET B 5  ? 0.1838 0.2344 0.2747 -0.0412 -0.0104 0.0395 337 MET B HE1  
229 H HE2  . MET B 5  ? 0.1967 0.2435 0.2845 -0.0423 -0.0087 0.0383 337 MET B HE2  
230 H HE3  . MET B 5  ? 0.1866 0.2378 0.2775 -0.0419 -0.0105 0.0406 337 MET B HE3  
231 N N    . GLY B 6  ? 0.0479 0.0793 0.1170 -0.0196 -0.0125 0.0380 338 GLY B N    
232 C CA   . GLY B 6  ? 0.0467 0.0749 0.1097 -0.0173 -0.0126 0.0366 338 GLY B CA   
233 C C    . GLY B 6  ? 0.0657 0.1155 0.1584 -0.0365 -0.0095 0.0388 338 GLY B C    
234 O O    . GLY B 6  ? 0.0651 0.1157 0.1582 -0.0363 -0.0101 0.0389 338 GLY B O    
235 H H    . GLY B 6  ? 0.0472 0.0776 0.1138 -0.0185 -0.0132 0.0380 338 GLY B H    
236 H HA2  . GLY B 6  ? 0.0468 0.0747 0.1092 -0.0173 -0.0124 0.0363 338 GLY B HA2  
237 H HA3  . GLY B 6  ? 0.0453 0.0706 0.1050 -0.0149 -0.0122 0.0356 338 GLY B HA3  
238 N N    . MET B 7  ? 0.0624 0.1129 0.1537 -0.0369 -0.0099 0.0391 339 MET B N    
239 C CA   . MET B 7  ? 0.0814 0.1345 0.1725 -0.0369 -0.0108 0.0399 339 MET B CA   
240 C C    . MET B 7  ? 0.1090 0.1639 0.1980 -0.0390 -0.0110 0.0405 339 MET B C    
241 O O    . MET B 7  ? 0.0916 0.1455 0.1793 -0.0402 -0.0106 0.0404 339 MET B O    
242 C CB   . MET B 7  ? 0.1283 0.1816 0.2211 -0.0351 -0.0111 0.0408 339 MET B CB   
243 C CG   . MET B 7  ? 0.1858 0.2372 0.2793 -0.0345 -0.0106 0.0399 339 MET B CG   
244 S SD   . MET B 7  ? 0.2494 0.2991 0.3436 -0.0333 -0.0096 0.0402 339 MET B SD   
245 C CE   . MET B 7  ? 0.2098 0.2613 0.3055 -0.0323 -0.0090 0.0405 339 MET B CE   
246 H H    . MET B 7  ? 0.0585 0.1076 0.1476 -0.0366 -0.0097 0.0389 339 MET B H    
247 H HA   . MET B 7  ? 0.0751 0.1288 0.1664 -0.0368 -0.0110 0.0396 339 MET B HA   
248 H HB2  . MET B 7  ? 0.1226 0.1754 0.2151 -0.0353 -0.0111 0.0412 339 MET B HB2  
249 H HB3  . MET B 7  ? 0.1268 0.1821 0.2206 -0.0347 -0.0114 0.0418 339 MET B HB3  
250 H HG2  . MET B 7  ? 0.1790 0.2310 0.2725 -0.0348 -0.0107 0.0395 339 MET B HG2  
251 H HG3  . MET B 7  ? 0.1814 0.2317 0.2745 -0.0349 -0.0105 0.0395 339 MET B HG3  
252 H HE1  . MET B 7  ? 0.2106 0.2646 0.3065 -0.0327 -0.0100 0.0410 339 MET B HE1  
253 H HE2  . MET B 7  ? 0.2064 0.2575 0.3036 -0.0309 -0.0082 0.0415 339 MET B HE2  
254 H HE3  . MET B 7  ? 0.2102 0.2607 0.3054 -0.0330 -0.0085 0.0393 339 MET B HE3  
255 N N    . LEU B 8  ? 0.0889 0.1467 0.1771 -0.0401 -0.0116 0.0411 340 LEU B N    
256 C CA   . LEU B 8  ? 0.0978 0.1584 0.1833 -0.0433 -0.0121 0.0422 340 LEU B CA   
257 C C    . LEU B 8  ? 0.1343 0.2005 0.2217 -0.0429 -0.0135 0.0447 340 LEU B C    
258 O O    . LEU B 8  ? 0.1335 0.2001 0.2217 -0.0419 -0.0136 0.0442 340 LEU B O    
259 C CB   . LEU B 8  ? 0.1127 0.1710 0.1940 -0.0465 -0.0105 0.0402 340 LEU B CB   
260 C CG   . LEU B 8  ? 0.1987 0.2512 0.2794 -0.0465 -0.0081 0.0380 340 LEU B CG   
261 C CD1  . LEU B 8  ? 0.2133 0.2633 0.2965 -0.0437 -0.0076 0.0372 340 LEU B CD1  
262 C CD2  . LEU B 8  ? 0.2516 0.3014 0.3272 -0.0508 -0.0058 0.0362 340 LEU B CD2  
263 H H    . LEU B 8  ? 0.0881 0.1466 0.1772 -0.0393 -0.0119 0.0411 340 LEU B H    
264 H HA   . LEU B 8  ? 0.1022 0.1631 0.1873 -0.0442 -0.0121 0.0429 340 LEU B HA   
265 H HB2  . LEU B 8  ? 0.1174 0.1761 0.1991 -0.0462 -0.0107 0.0399 340 LEU B HB2  
266 H HB3  . LEU B 8  ? 0.1136 0.1741 0.1921 -0.0498 -0.0108 0.0409 340 LEU B HB3  
267 H HG   . LEU B 8  ? 0.2012 0.2532 0.2827 -0.0458 -0.0081 0.0381 340 LEU B HG   
268 H HD11 . LEU B 8  ? 0.2115 0.2631 0.2976 -0.0414 -0.0089 0.0380 340 LEU B HD11 
269 H HD12 . LEU B 8  ? 0.2137 0.2604 0.2974 -0.0434 -0.0059 0.0364 340 LEU B HD12 
270 H HD13 . LEU B 8  ? 0.2110 0.2611 0.2929 -0.0447 -0.0075 0.0369 340 LEU B HD13 
271 H HD21 . LEU B 8  ? 0.2471 0.2976 0.3212 -0.0519 -0.0059 0.0361 340 LEU B HD21 
272 H HD22 . LEU B 8  ? 0.2534 0.2988 0.3293 -0.0501 -0.0034 0.0347 340 LEU B HD22 
273 H HD23 . LEU B 8  ? 0.2519 0.3036 0.3251 -0.0536 -0.0060 0.0368 340 LEU B HD23 
274 N N    . ALA B 9  ? 0.1057 0.1765 0.1941 -0.0437 -0.0147 0.0478 341 ALA B N    
275 C CA   . ALA B 9  ? 0.1191 0.1963 0.2106 -0.0430 -0.0160 0.0513 341 ALA B CA   
276 C C    . ALA B 9  ? 0.1805 0.2639 0.2700 -0.0473 -0.0175 0.0544 341 ALA B C    
277 O O    . ALA B 9  ? 0.1876 0.2703 0.2750 -0.0495 -0.0176 0.0547 341 ALA B O    
278 C CB   . ALA B 9  ? 0.1345 0.2118 0.2316 -0.0386 -0.0156 0.0533 341 ALA B CB   
279 H H    . ALA B 9  ? 0.1069 0.1774 0.1944 -0.0449 -0.0148 0.0484 341 ALA B H    
280 H HA   . ALA B 9  ? 0.1218 0.1998 0.2133 -0.0429 -0.0158 0.0504 341 ALA B HA   
281 H HB1  . ALA B 9  ? 0.1401 0.2132 0.2378 -0.0365 -0.0145 0.0509 341 ALA B HB1  
282 H HB2  . ALA B 9  ? 0.1312 0.2134 0.2314 -0.0378 -0.0161 0.0564 341 ALA B HB2  
283 H HB3  . ALA B 9  ? 0.1388 0.2152 0.2357 -0.0388 -0.0158 0.0541 341 ALA B HB3  
284 N N    . SER B 10 ? 0.1470 0.2371 0.2368 -0.0490 -0.0186 0.0569 342 SER B N    
285 C CA   . SER B 10 ? 0.1533 0.2507 0.2407 -0.0543 -0.0203 0.0605 342 SER B CA   
286 C C    . SER B 10 ? 0.1883 0.2953 0.2797 -0.0541 -0.0219 0.0651 342 SER B C    
287 O O    . SER B 10 ? 0.1900 0.2966 0.2828 -0.0521 -0.0212 0.0637 342 SER B O    
288 C CB   . SER B 10 ? 0.2145 0.3088 0.2934 -0.0604 -0.0194 0.0569 342 SER B CB   
289 O OG   . SER B 10 ? 0.3462 0.4370 0.4231 -0.0600 -0.0181 0.0535 342 SER B OG   
290 H H    . SER B 10 ? 0.1457 0.2365 0.2373 -0.0473 -0.0184 0.0566 342 SER B H    
291 H HA   . SER B 10 ? 0.1534 0.2523 0.2422 -0.0543 -0.0210 0.0628 342 SER B HA   
292 H HB2  . SER B 10 ? 0.2173 0.3175 0.2935 -0.0652 -0.0206 0.0595 342 SER B HB2  
293 H HB3  . SER B 10 ? 0.2161 0.3047 0.2930 -0.0604 -0.0181 0.0544 342 SER B HB3  
294 N N    . GLN B 11 ? 0.1489 0.2648 0.2423 -0.0566 -0.0239 0.0710 343 GLN B N    
295 C CA   . GLN B 11 ? 0.1587 0.2855 0.2569 -0.0566 -0.0256 0.0768 343 GLN B CA   
296 C C    . GLN B 11 ? 0.3199 0.4543 0.4115 -0.0653 -0.0277 0.0790 343 GLN B C    
297 O O    . GLN B 11 ? 0.3131 0.4519 0.4025 -0.0682 -0.0281 0.0792 343 GLN B O    
298 C CB   . GLN B 11 ? 0.1746 0.3065 0.2825 -0.0517 -0.0262 0.0831 343 GLN B CB   
299 C CG   . GLN B 11 ? 0.3444 0.4849 0.4609 -0.0480 -0.0263 0.0885 343 GLN B CG   
300 C CD   . GLN B 11 ? 0.6164 0.7520 0.7413 -0.0398 -0.0234 0.0885 343 GLN B CD   
301 O OE1  . GLN B 11 ? 0.5572 0.6895 0.6841 -0.0363 -0.0213 0.0857 343 GLN B OE1  
302 O OXT  . GLN B 11 ? 0.5633 0.6984 0.6512 -0.0698 -0.0286 0.0801 343 GLN B OXT  
303 H H    . GLN B 11 ? 0.1527 0.2690 0.2445 -0.0587 -0.0246 0.0722 343 GLN B H    
304 H HA   . GLN B 11 ? 0.1549 0.2809 0.2544 -0.0545 -0.0247 0.0751 343 GLN B HA   
305 H HB2  . GLN B 11 ? 0.1784 0.3025 0.2878 -0.0474 -0.0244 0.0803 343 GLN B HB2  
306 H HB3  . GLN B 11 ? 0.1754 0.3119 0.2824 -0.0551 -0.0279 0.0866 343 GLN B HB3  
307 H HG2  . GLN B 11 ? 0.3480 0.4981 0.4675 -0.0501 -0.0283 0.0948 343 GLN B HG2  
308 H HG3  . GLN B 11 ? 0.3448 0.4860 0.4588 -0.0494 -0.0261 0.0862 343 GLN B HG3  
# 
